data_3CVZ
#
_entry.id   3CVZ
#
_cell.length_a   107.059
_cell.length_b   107.059
_cell.length_c   190.617
_cell.angle_alpha   90.00
_cell.angle_beta   90.00
_cell.angle_gamma   120.00
#
_symmetry.space_group_name_H-M   'P 64'
#
loop_
_entity.id
_entity.type
_entity.pdbx_description
1 polymer 'S-layer protein'
2 non-polymer 'PHOSPHATE ION'
3 non-polymer GLYCINE
4 water water
#
_entity_poly.entity_id   1
_entity_poly.type   'polypeptide(L)'
_entity_poly.pdbx_seq_one_letter_code
;ATTGTQGYTVVKNDWKKAVKQLQDGLKDNSIGKITVSFNDGVVGEVAPKSANKKADRDAAAEKLYNLVNTQLDKLGDGDY
VDFSVDYNLENKIITNQADAEAIVTKLNSLNEKTLIDIATKDTFGMVSKTQDSEGKNVAATKALKVKDVATFGLKSGGSE
DTGYVVEMKAGAVEDKYGKVGDSTAGIAINLPSTGLEYAGKGTTIDFNKTLKVDVTGGSTPSAVAVSGFVTKDDTDLAKS
GTINVRVINAKEESIDIDASSYHMSLEHHHHHH
;
_entity_poly.pdbx_strand_id   A,B,C,D
#
loop_
_chem_comp.id
_chem_comp.type
_chem_comp.name
_chem_comp.formula
PO4 non-polymer 'PHOSPHATE ION' 'O4 P -3'
#
# COMPACT_ATOMS: atom_id res chain seq x y z
N THR A 2 14.08 -27.03 -37.44
CA THR A 2 13.75 -27.98 -36.37
C THR A 2 12.74 -27.41 -35.39
N THR A 3 11.72 -28.20 -35.06
CA THR A 3 10.72 -27.77 -34.10
C THR A 3 11.41 -27.41 -32.80
N GLY A 4 11.21 -26.17 -32.35
CA GLY A 4 11.78 -25.70 -31.11
C GLY A 4 13.28 -25.42 -31.13
N THR A 5 13.70 -24.51 -32.00
CA THR A 5 15.03 -23.91 -31.86
C THR A 5 14.83 -22.40 -31.76
N GLN A 6 15.23 -21.84 -30.63
CA GLN A 6 15.17 -20.41 -30.43
C GLN A 6 16.58 -19.84 -30.55
N GLY A 7 16.76 -18.94 -31.50
CA GLY A 7 18.04 -18.31 -31.72
C GLY A 7 18.10 -16.91 -31.17
N TYR A 8 19.17 -16.61 -30.46
CA TYR A 8 19.52 -15.25 -30.10
C TYR A 8 20.96 -15.03 -30.51
N THR A 9 21.29 -13.81 -30.92
CA THR A 9 22.66 -13.47 -31.29
C THR A 9 22.93 -12.03 -30.89
N VAL A 10 23.90 -11.81 -30.00
CA VAL A 10 24.21 -10.46 -29.54
C VAL A 10 25.66 -10.04 -29.76
N VAL A 11 25.87 -8.74 -29.82
CA VAL A 11 27.16 -8.15 -30.17
C VAL A 11 28.18 -8.20 -29.04
N LYS A 12 29.46 -8.20 -29.40
CA LYS A 12 30.53 -8.26 -28.42
C LYS A 12 30.35 -7.14 -27.38
N ASN A 13 30.14 -5.92 -27.85
CA ASN A 13 30.01 -4.78 -26.95
C ASN A 13 28.85 -4.88 -25.95
N ASP A 14 27.94 -5.83 -26.17
CA ASP A 14 26.81 -6.02 -25.28
C ASP A 14 26.81 -7.36 -24.53
N TRP A 15 27.98 -7.96 -24.33
CA TRP A 15 28.04 -9.24 -23.64
C TRP A 15 27.85 -9.13 -22.11
N LYS A 16 28.38 -8.09 -21.49
CA LYS A 16 28.26 -7.94 -20.02
C LYS A 16 26.84 -8.19 -19.52
N LYS A 17 25.85 -7.76 -20.30
CA LYS A 17 24.45 -7.82 -19.89
C LYS A 17 23.86 -9.19 -20.20
N ALA A 18 24.26 -9.77 -21.33
CA ALA A 18 23.78 -11.08 -21.74
C ALA A 18 24.17 -12.14 -20.71
N VAL A 19 25.45 -12.17 -20.35
CA VAL A 19 25.94 -13.09 -19.33
C VAL A 19 25.22 -12.82 -18.02
N LYS A 20 25.09 -11.55 -17.67
CA LYS A 20 24.33 -11.15 -16.50
C LYS A 20 23.00 -11.87 -16.44
N GLN A 21 22.30 -11.91 -17.57
CA GLN A 21 20.95 -12.43 -17.55
C GLN A 21 20.92 -13.94 -17.72
N LEU A 22 22.00 -14.50 -18.24
CA LEU A 22 22.16 -15.95 -18.15
C LEU A 22 22.48 -16.29 -16.69
N GLN A 23 23.14 -15.38 -16.00
CA GLN A 23 23.40 -15.56 -14.57
C GLN A 23 22.11 -15.57 -13.75
N ASP A 24 21.33 -14.51 -13.91
CA ASP A 24 20.06 -14.41 -13.17
C ASP A 24 19.16 -15.62 -13.45
N GLY A 25 19.17 -16.10 -14.69
CA GLY A 25 18.49 -17.33 -15.02
C GLY A 25 18.98 -18.54 -14.23
N LEU A 26 20.30 -18.60 -13.97
CA LEU A 26 20.83 -19.63 -13.07
C LEU A 26 20.42 -19.36 -11.62
N LYS A 27 20.60 -18.11 -11.17
CA LYS A 27 20.30 -17.72 -9.78
C LYS A 27 18.82 -17.83 -9.39
N ASP A 28 17.92 -17.66 -10.35
CA ASP A 28 16.50 -17.80 -10.07
C ASP A 28 15.94 -19.12 -10.57
N ASN A 29 16.84 -19.98 -11.05
CA ASN A 29 16.53 -21.40 -11.18
C ASN A 29 15.75 -21.77 -12.44
N SER A 30 15.68 -20.84 -13.38
CA SER A 30 15.05 -21.13 -14.67
C SER A 30 15.98 -21.94 -15.57
N ILE A 31 17.29 -21.71 -15.45
CA ILE A 31 18.30 -22.39 -16.27
C ILE A 31 18.87 -23.61 -15.56
N GLY A 32 18.80 -24.75 -16.22
CA GLY A 32 19.27 -25.97 -15.65
C GLY A 32 20.72 -26.19 -16.02
N LYS A 33 21.09 -25.77 -17.23
CA LYS A 33 22.43 -26.05 -17.72
C LYS A 33 22.79 -25.15 -18.88
N ILE A 34 24.03 -24.66 -18.88
CA ILE A 34 24.53 -23.98 -20.06
C ILE A 34 25.76 -24.70 -20.60
N THR A 35 25.69 -25.17 -21.84
CA THR A 35 26.88 -25.66 -22.51
C THR A 35 27.48 -24.49 -23.28
N VAL A 36 28.76 -24.22 -23.06
CA VAL A 36 29.45 -23.10 -23.74
C VAL A 36 30.48 -23.56 -24.77
N SER A 37 30.48 -22.92 -25.93
CA SER A 37 31.35 -23.32 -27.03
C SER A 37 32.11 -22.15 -27.60
N PHE A 38 33.39 -22.38 -27.88
CA PHE A 38 34.20 -21.44 -28.64
C PHE A 38 34.38 -21.90 -30.09
N ASN A 39 33.71 -21.20 -31.01
CA ASN A 39 34.02 -21.25 -32.46
C ASN A 39 34.26 -22.56 -33.21
N ASP A 40 33.43 -23.58 -33.04
CA ASP A 40 32.51 -23.71 -31.94
C ASP A 40 32.79 -25.09 -31.34
N GLY A 41 33.91 -25.19 -30.64
CA GLY A 41 34.31 -26.39 -29.94
C GLY A 41 34.02 -26.21 -28.47
N VAL A 42 33.21 -27.11 -27.92
CA VAL A 42 32.76 -27.00 -26.55
C VAL A 42 33.93 -26.83 -25.59
N VAL A 43 33.85 -25.80 -24.77
CA VAL A 43 34.81 -25.59 -23.71
C VAL A 43 34.32 -26.21 -22.39
N GLY A 44 33.04 -26.08 -22.09
CA GLY A 44 32.50 -26.61 -20.84
C GLY A 44 31.01 -26.39 -20.56
N GLU A 45 30.54 -27.02 -19.50
CA GLU A 45 29.14 -26.95 -19.09
C GLU A 45 29.03 -26.40 -17.67
N VAL A 46 28.09 -25.47 -17.48
CA VAL A 46 27.83 -24.87 -16.17
C VAL A 46 26.46 -25.31 -15.64
N ALA A 47 26.40 -25.63 -14.35
CA ALA A 47 25.16 -26.04 -13.73
C ALA A 47 25.37 -26.08 -12.23
N PRO A 48 24.31 -25.79 -11.47
CA PRO A 48 24.40 -25.91 -10.02
C PRO A 48 24.61 -27.37 -9.71
N LYS A 49 25.46 -27.67 -8.75
CA LYS A 49 25.72 -29.07 -8.41
C LYS A 49 24.49 -29.70 -7.77
N SER A 50 23.77 -28.90 -6.98
CA SER A 50 22.43 -29.26 -6.52
C SER A 50 21.59 -28.03 -6.81
N ALA A 51 20.49 -28.21 -7.55
CA ALA A 51 19.71 -27.05 -8.00
C ALA A 51 18.78 -26.46 -6.94
N ASN A 52 18.59 -27.18 -5.84
CA ASN A 52 17.70 -26.72 -4.77
C ASN A 52 18.45 -25.88 -3.74
N LYS A 53 19.63 -25.38 -4.13
CA LYS A 53 20.47 -24.64 -3.22
C LYS A 53 20.94 -23.34 -3.82
N LYS A 54 20.67 -22.24 -3.10
CA LYS A 54 21.13 -20.92 -3.51
C LYS A 54 22.63 -20.85 -3.70
N ALA A 55 23.39 -21.43 -2.78
CA ALA A 55 24.85 -21.36 -2.87
C ALA A 55 25.33 -21.90 -4.22
N ASP A 56 24.84 -23.09 -4.59
CA ASP A 56 25.15 -23.74 -5.87
C ASP A 56 24.77 -22.90 -7.07
N ARG A 57 23.57 -22.31 -7.02
CA ARG A 57 23.15 -21.45 -8.12
C ARG A 57 24.04 -20.26 -8.25
N ASP A 58 24.39 -19.65 -7.13
CA ASP A 58 25.35 -18.54 -7.17
C ASP A 58 26.75 -19.01 -7.65
N ALA A 59 27.23 -20.12 -7.11
CA ALA A 59 28.52 -20.65 -7.56
C ALA A 59 28.49 -20.90 -9.07
N ALA A 60 27.38 -21.46 -9.57
CA ALA A 60 27.29 -21.74 -10.99
C ALA A 60 27.31 -20.47 -11.85
N ALA A 61 26.64 -19.43 -11.37
CA ALA A 61 26.63 -18.16 -12.08
C ALA A 61 28.04 -17.58 -12.16
N GLU A 62 28.75 -17.62 -11.04
CA GLU A 62 30.04 -16.98 -10.96
C GLU A 62 31.07 -17.81 -11.75
N LYS A 63 30.85 -19.11 -11.74
CA LYS A 63 31.54 -20.03 -12.62
C LYS A 63 31.37 -19.68 -14.10
N LEU A 64 30.16 -19.33 -14.52
CA LEU A 64 29.89 -18.90 -15.90
C LEU A 64 30.66 -17.65 -16.25
N TYR A 65 30.75 -16.71 -15.32
CA TYR A 65 31.47 -15.47 -15.58
C TYR A 65 32.92 -15.78 -15.92
N ASN A 66 33.62 -16.41 -15.00
CA ASN A 66 35.04 -16.63 -15.16
C ASN A 66 35.38 -17.42 -16.43
N LEU A 67 34.52 -18.37 -16.76
CA LEU A 67 34.67 -19.18 -17.96
C LEU A 67 34.75 -18.39 -19.26
N VAL A 68 33.91 -17.36 -19.40
CA VAL A 68 33.79 -16.64 -20.66
C VAL A 68 34.26 -15.19 -20.52
N ASN A 69 34.34 -14.70 -19.29
CA ASN A 69 34.83 -13.36 -18.98
C ASN A 69 35.92 -12.87 -19.93
N THR A 70 37.03 -13.58 -19.93
CA THR A 70 38.22 -13.23 -20.71
C THR A 70 38.07 -13.43 -22.22
N GLN A 71 37.60 -14.61 -22.61
CA GLN A 71 37.43 -14.96 -24.01
C GLN A 71 36.58 -13.97 -24.77
N LEU A 72 35.52 -13.48 -24.14
CA LEU A 72 34.66 -12.46 -24.74
C LEU A 72 35.29 -11.07 -24.63
N ASP A 73 36.06 -10.84 -23.56
CA ASP A 73 36.66 -9.54 -23.31
C ASP A 73 37.61 -9.10 -24.44
N LYS A 74 38.05 -10.07 -25.24
CA LYS A 74 38.88 -9.80 -26.41
C LYS A 74 38.55 -10.79 -27.51
N LEU A 75 37.25 -11.05 -27.67
CA LEU A 75 36.72 -11.89 -28.72
C LEU A 75 37.27 -11.43 -30.07
N GLY A 76 38.03 -12.29 -30.72
CA GLY A 76 38.63 -11.95 -32.00
C GLY A 76 37.61 -11.65 -33.09
N ASP A 77 38.10 -11.22 -34.24
CA ASP A 77 37.26 -10.89 -35.38
C ASP A 77 36.70 -12.17 -36.03
N GLY A 78 35.39 -12.20 -36.25
CA GLY A 78 34.75 -13.35 -36.88
C GLY A 78 34.64 -14.55 -35.97
N ASP A 79 34.90 -14.35 -34.67
CA ASP A 79 34.83 -15.41 -33.68
C ASP A 79 33.56 -15.32 -32.85
N TYR A 80 33.29 -16.34 -32.04
CA TYR A 80 32.08 -16.39 -31.23
C TYR A 80 32.15 -17.32 -30.02
N VAL A 81 31.23 -17.10 -29.08
CA VAL A 81 30.99 -18.02 -27.98
C VAL A 81 29.50 -18.37 -27.98
N ASP A 82 29.19 -19.67 -28.04
CA ASP A 82 27.82 -20.15 -28.04
C ASP A 82 27.38 -20.59 -26.65
N PHE A 83 26.18 -20.17 -26.24
CA PHE A 83 25.59 -20.67 -25.00
C PHE A 83 24.38 -21.50 -25.35
N SER A 84 24.49 -22.81 -25.18
CA SER A 84 23.33 -23.69 -25.29
C SER A 84 22.66 -23.72 -23.92
N VAL A 85 21.59 -22.96 -23.81
CA VAL A 85 20.90 -22.76 -22.55
C VAL A 85 19.70 -23.68 -22.43
N ASP A 86 19.81 -24.68 -21.58
CA ASP A 86 18.67 -25.54 -21.24
C ASP A 86 17.89 -24.88 -20.10
N TYR A 87 16.61 -24.58 -20.31
CA TYR A 87 15.83 -23.87 -19.31
C TYR A 87 14.44 -24.48 -19.16
N ASN A 88 13.76 -24.13 -18.07
CA ASN A 88 12.39 -24.53 -17.88
C ASN A 88 11.77 -23.54 -16.91
N LEU A 89 10.93 -22.67 -17.44
CA LEU A 89 10.39 -21.57 -16.67
C LEU A 89 9.50 -22.03 -15.53
N GLU A 90 8.95 -23.24 -15.64
CA GLU A 90 8.23 -23.83 -14.51
C GLU A 90 9.05 -23.91 -13.22
N ASN A 91 10.40 -23.93 -13.35
CA ASN A 91 11.30 -23.98 -12.20
C ASN A 91 11.71 -22.59 -11.71
N LYS A 92 11.41 -21.55 -12.47
CA LYS A 92 11.76 -20.21 -12.04
C LYS A 92 11.09 -19.95 -10.68
N ILE A 93 11.82 -19.31 -9.76
CA ILE A 93 11.29 -19.06 -8.42
C ILE A 93 11.44 -17.61 -8.02
N ILE A 94 10.71 -17.23 -6.98
CA ILE A 94 10.88 -15.96 -6.32
C ILE A 94 11.94 -16.13 -5.24
N THR A 95 13.04 -15.41 -5.37
CA THR A 95 14.23 -15.68 -4.57
C THR A 95 14.28 -14.92 -3.25
N ASN A 96 13.79 -13.69 -3.24
CA ASN A 96 13.84 -12.93 -2.00
C ASN A 96 12.45 -12.71 -1.40
N GLN A 97 12.38 -12.87 -0.09
CA GLN A 97 11.13 -12.76 0.63
C GLN A 97 10.50 -11.40 0.36
N ALA A 98 11.31 -10.35 0.44
CA ALA A 98 10.81 -9.00 0.20
C ALA A 98 9.92 -8.90 -1.04
N ASP A 99 10.43 -9.43 -2.15
CA ASP A 99 9.66 -9.39 -3.39
C ASP A 99 8.34 -10.16 -3.25
N ALA A 100 8.34 -11.25 -2.48
CA ALA A 100 7.11 -11.96 -2.19
C ALA A 100 6.16 -11.10 -1.34
N GLU A 101 6.65 -10.61 -0.21
CA GLU A 101 5.87 -9.76 0.69
C GLU A 101 5.20 -8.62 -0.05
N ALA A 102 5.90 -8.03 -1.02
CA ALA A 102 5.32 -6.91 -1.78
C ALA A 102 4.08 -7.38 -2.52
N ILE A 103 4.13 -8.58 -3.09
CA ILE A 103 2.95 -9.13 -3.73
C ILE A 103 1.79 -9.31 -2.72
N VAL A 104 2.10 -9.85 -1.55
CA VAL A 104 1.08 -10.00 -0.53
C VAL A 104 0.43 -8.64 -0.24
N THR A 105 1.27 -7.61 -0.11
CA THR A 105 0.75 -6.32 0.32
C THR A 105 -0.09 -5.73 -0.79
N LYS A 106 0.37 -5.85 -2.04
CA LYS A 106 -0.50 -5.50 -3.15
C LYS A 106 -1.86 -6.23 -3.10
N LEU A 107 -1.87 -7.49 -2.71
CA LEU A 107 -3.13 -8.20 -2.59
C LEU A 107 -3.96 -7.62 -1.43
N ASN A 108 -3.34 -7.43 -0.28
CA ASN A 108 -4.04 -6.84 0.86
C ASN A 108 -4.61 -5.43 0.54
N SER A 109 -4.02 -4.76 -0.44
CA SER A 109 -4.49 -3.45 -0.82
C SER A 109 -5.78 -3.58 -1.63
N LEU A 110 -6.26 -4.81 -1.81
CA LEU A 110 -7.55 -5.01 -2.46
C LEU A 110 -8.62 -5.43 -1.45
N ASN A 111 -8.23 -5.57 -0.18
CA ASN A 111 -9.12 -6.15 0.80
C ASN A 111 -10.50 -5.49 0.90
N GLU A 112 -10.54 -4.16 0.82
CA GLU A 112 -11.79 -3.42 1.03
C GLU A 112 -12.55 -3.28 -0.27
N LYS A 113 -12.06 -3.91 -1.31
CA LYS A 113 -12.77 -3.77 -2.57
C LYS A 113 -14.05 -4.62 -2.62
N THR A 114 -15.14 -4.01 -3.04
CA THR A 114 -16.43 -4.67 -3.10
C THR A 114 -16.58 -5.55 -4.33
N LEU A 115 -16.92 -6.81 -4.12
CA LEU A 115 -17.14 -7.73 -5.21
C LEU A 115 -18.59 -7.82 -5.63
N ILE A 116 -19.46 -8.00 -4.64
CA ILE A 116 -20.88 -8.00 -4.91
C ILE A 116 -21.60 -7.14 -3.88
N ASP A 117 -22.49 -6.28 -4.35
CA ASP A 117 -23.28 -5.40 -3.48
C ASP A 117 -24.27 -6.12 -2.60
N ILE A 118 -24.66 -5.47 -1.51
CA ILE A 118 -25.85 -5.92 -0.74
C ILE A 118 -27.02 -6.00 -1.71
N ALA A 119 -27.80 -7.07 -1.63
CA ALA A 119 -28.95 -7.23 -2.50
C ALA A 119 -30.09 -6.19 -2.20
N THR A 120 -30.90 -5.87 -3.21
CA THR A 120 -32.17 -5.18 -3.01
C THR A 120 -33.26 -6.10 -3.50
N LYS A 121 -34.47 -5.57 -3.64
CA LYS A 121 -35.60 -6.39 -4.08
C LYS A 121 -35.67 -6.42 -5.60
N ASP A 122 -34.91 -5.53 -6.23
CA ASP A 122 -34.90 -5.39 -7.68
C ASP A 122 -33.61 -5.90 -8.31
N THR A 123 -32.59 -6.11 -7.48
CA THR A 123 -31.25 -6.28 -7.94
C THR A 123 -30.60 -7.35 -7.09
N PHE A 124 -29.92 -8.30 -7.76
CA PHE A 124 -29.27 -9.41 -7.10
C PHE A 124 -28.07 -8.92 -6.30
N GLY A 125 -27.78 -9.58 -5.20
CA GLY A 125 -26.67 -9.15 -4.42
C GLY A 125 -26.56 -10.13 -3.31
N MET A 126 -25.88 -9.72 -2.25
CA MET A 126 -25.73 -10.55 -1.08
C MET A 126 -27.03 -10.46 -0.24
N VAL A 127 -27.60 -11.61 0.05
CA VAL A 127 -28.71 -11.76 0.94
C VAL A 127 -28.21 -12.61 2.09
N SER A 128 -28.83 -12.46 3.26
CA SER A 128 -28.51 -13.36 4.36
C SER A 128 -28.87 -14.80 4.01
N LYS A 129 -28.30 -15.75 4.72
CA LYS A 129 -28.66 -17.15 4.45
C LYS A 129 -29.94 -17.57 5.19
N THR A 130 -30.31 -16.83 6.23
CA THR A 130 -31.55 -17.15 6.91
C THR A 130 -32.71 -16.24 6.48
N GLN A 131 -33.67 -16.84 5.78
CA GLN A 131 -34.89 -16.13 5.36
C GLN A 131 -35.72 -15.58 6.52
N ASP A 132 -36.52 -14.55 6.25
CA ASP A 132 -37.33 -13.97 7.31
C ASP A 132 -38.50 -14.89 7.69
N SER A 133 -39.34 -14.42 8.61
CA SER A 133 -40.49 -15.21 9.08
C SER A 133 -41.42 -15.64 7.95
N GLU A 134 -41.57 -14.79 6.94
CA GLU A 134 -42.40 -15.11 5.77
C GLU A 134 -41.72 -16.01 4.76
N GLY A 135 -40.51 -16.50 5.09
CA GLY A 135 -39.77 -17.33 4.17
C GLY A 135 -39.15 -16.59 2.98
N LYS A 136 -38.97 -15.27 3.13
CA LYS A 136 -38.37 -14.42 2.09
C LYS A 136 -36.94 -14.05 2.46
N ASN A 137 -36.05 -13.96 1.47
CA ASN A 137 -34.68 -13.51 1.73
C ASN A 137 -34.67 -12.11 2.34
N VAL A 138 -33.69 -11.90 3.20
CA VAL A 138 -33.38 -10.61 3.79
C VAL A 138 -32.04 -10.10 3.24
N ALA A 139 -31.90 -8.79 3.09
CA ALA A 139 -30.62 -8.18 2.72
C ALA A 139 -29.51 -8.68 3.65
N ALA A 140 -28.27 -8.68 3.18
CA ALA A 140 -27.17 -9.05 4.06
C ALA A 140 -26.65 -7.85 4.87
N THR A 141 -25.93 -8.14 5.94
CA THR A 141 -25.29 -7.06 6.72
C THR A 141 -24.16 -6.33 5.98
N LYS A 142 -23.38 -7.08 5.19
CA LYS A 142 -22.30 -6.45 4.45
C LYS A 142 -22.27 -6.88 3.01
N ALA A 143 -21.63 -6.05 2.18
CA ALA A 143 -21.32 -6.43 0.82
C ALA A 143 -20.28 -7.56 0.86
N LEU A 144 -20.20 -8.32 -0.22
CA LEU A 144 -19.10 -9.26 -0.37
C LEU A 144 -17.85 -8.49 -0.83
N LYS A 145 -16.83 -8.44 0.02
CA LYS A 145 -15.57 -7.76 -0.31
C LYS A 145 -14.42 -8.75 -0.47
N VAL A 146 -13.35 -8.30 -1.13
CA VAL A 146 -12.24 -9.17 -1.38
C VAL A 146 -11.84 -9.88 -0.10
N LYS A 147 -11.77 -9.13 0.99
CA LYS A 147 -11.26 -9.72 2.24
C LYS A 147 -12.16 -10.81 2.84
N ASP A 148 -13.37 -10.92 2.31
CA ASP A 148 -14.32 -11.92 2.80
C ASP A 148 -14.14 -13.20 2.05
N VAL A 149 -13.52 -13.08 0.90
CA VAL A 149 -13.38 -14.16 -0.06
C VAL A 149 -12.07 -14.90 0.10
N ALA A 150 -11.05 -14.20 0.59
CA ALA A 150 -9.71 -14.81 0.67
C ALA A 150 -8.75 -14.05 1.60
N THR A 151 -7.80 -14.78 2.19
CA THR A 151 -6.70 -14.14 2.93
C THR A 151 -5.37 -14.42 2.23
N PHE A 152 -4.37 -13.58 2.47
CA PHE A 152 -3.17 -13.58 1.65
C PHE A 152 -1.98 -13.72 2.56
N GLY A 153 -0.96 -14.45 2.10
CA GLY A 153 0.31 -14.52 2.79
C GLY A 153 1.32 -15.39 2.08
N LEU A 154 2.46 -15.61 2.71
CA LEU A 154 3.45 -16.53 2.15
C LEU A 154 3.16 -17.93 2.64
N LYS A 155 3.18 -18.89 1.71
CA LYS A 155 3.15 -20.29 2.10
C LYS A 155 4.28 -20.51 3.11
N SER A 156 4.01 -21.29 4.15
CA SER A 156 5.05 -21.55 5.14
C SER A 156 6.21 -22.38 4.59
N GLY A 157 7.39 -22.17 5.14
CA GLY A 157 8.55 -22.98 4.77
C GLY A 157 9.20 -22.56 3.45
N GLY A 158 9.12 -21.27 3.15
CA GLY A 158 9.77 -20.73 1.98
C GLY A 158 11.19 -20.39 2.37
N SER A 159 12.09 -20.40 1.41
CA SER A 159 13.48 -20.10 1.70
C SER A 159 14.13 -19.46 0.50
N GLU A 160 15.29 -18.87 0.70
CA GLU A 160 16.11 -18.47 -0.43
C GLU A 160 16.49 -19.71 -1.28
N ASP A 161 16.69 -20.83 -0.62
CA ASP A 161 17.06 -22.05 -1.33
C ASP A 161 15.97 -22.49 -2.26
N THR A 162 14.77 -22.54 -1.72
CA THR A 162 13.67 -23.25 -2.33
C THR A 162 12.70 -22.30 -3.03
N GLY A 163 12.73 -21.03 -2.64
CA GLY A 163 11.83 -20.05 -3.21
C GLY A 163 10.66 -19.72 -2.28
N TYR A 164 10.16 -18.50 -2.39
CA TYR A 164 8.97 -18.09 -1.63
C TYR A 164 7.70 -18.21 -2.44
N VAL A 165 6.66 -18.76 -1.84
CA VAL A 165 5.36 -18.84 -2.50
C VAL A 165 4.30 -17.93 -1.89
N VAL A 166 3.63 -17.15 -2.73
CA VAL A 166 2.47 -16.38 -2.29
C VAL A 166 1.21 -17.25 -2.31
N GLU A 167 0.48 -17.26 -1.20
CA GLU A 167 -0.69 -18.11 -1.00
C GLU A 167 -1.95 -17.34 -0.65
N MET A 168 -3.10 -17.74 -1.21
CA MET A 168 -4.38 -17.23 -0.73
C MET A 168 -5.15 -18.41 -0.16
N LYS A 169 -5.82 -18.18 0.97
CA LYS A 169 -6.71 -19.17 1.54
C LYS A 169 -8.15 -18.68 1.43
N ALA A 170 -9.01 -19.51 0.84
CA ALA A 170 -10.42 -19.16 0.72
C ALA A 170 -10.93 -18.82 2.09
N GLY A 171 -11.80 -17.82 2.16
CA GLY A 171 -12.49 -17.52 3.38
C GLY A 171 -13.75 -18.34 3.48
N ALA A 172 -14.59 -18.04 4.48
CA ALA A 172 -15.85 -18.72 4.60
C ALA A 172 -16.96 -17.69 4.49
N VAL A 173 -17.88 -17.89 3.55
CA VAL A 173 -19.04 -16.98 3.43
C VAL A 173 -20.38 -17.70 3.65
N GLU A 174 -21.12 -17.26 4.66
CA GLU A 174 -22.46 -17.78 4.91
C GLU A 174 -23.49 -17.12 4.01
N ASP A 175 -23.35 -15.82 3.83
CA ASP A 175 -24.22 -15.03 2.96
C ASP A 175 -24.36 -15.62 1.55
N LYS A 176 -25.47 -15.31 0.89
CA LYS A 176 -25.74 -15.93 -0.39
C LYS A 176 -26.08 -14.89 -1.43
N TYR A 177 -26.32 -15.35 -2.65
CA TYR A 177 -26.54 -14.47 -3.77
C TYR A 177 -28.01 -14.51 -4.19
N GLY A 178 -28.72 -13.39 -4.09
CA GLY A 178 -30.14 -13.41 -4.37
C GLY A 178 -30.77 -12.03 -4.38
N LYS A 179 -32.10 -12.00 -4.51
CA LYS A 179 -32.90 -10.77 -4.42
C LYS A 179 -33.62 -10.69 -3.07
N VAL A 180 -33.60 -9.52 -2.43
CA VAL A 180 -34.32 -9.36 -1.17
C VAL A 180 -35.80 -9.63 -1.41
N GLY A 181 -36.45 -10.29 -0.45
CA GLY A 181 -37.88 -10.46 -0.54
C GLY A 181 -38.29 -11.63 -1.41
N ASP A 182 -37.30 -12.33 -1.94
CA ASP A 182 -37.55 -13.51 -2.77
C ASP A 182 -37.74 -14.76 -1.91
N SER A 183 -38.68 -15.60 -2.30
CA SER A 183 -38.96 -16.83 -1.57
C SER A 183 -37.83 -17.83 -1.72
N THR A 184 -37.27 -17.90 -2.91
CA THR A 184 -36.20 -18.86 -3.17
C THR A 184 -34.88 -18.48 -2.48
N ALA A 185 -34.25 -19.42 -1.77
CA ALA A 185 -32.95 -19.18 -1.12
C ALA A 185 -31.92 -18.70 -2.12
N GLY A 186 -31.02 -17.83 -1.67
CA GLY A 186 -29.97 -17.35 -2.53
C GLY A 186 -29.03 -18.50 -2.82
N ILE A 187 -28.19 -18.35 -3.83
CA ILE A 187 -27.23 -19.40 -4.13
C ILE A 187 -25.86 -19.10 -3.53
N ALA A 188 -25.08 -20.14 -3.30
CA ALA A 188 -23.83 -19.95 -2.61
C ALA A 188 -22.78 -19.42 -3.56
N ILE A 189 -21.91 -18.57 -3.04
CA ILE A 189 -20.75 -18.10 -3.79
C ILE A 189 -19.65 -19.22 -3.85
N ASN A 190 -19.27 -19.65 -5.05
CA ASN A 190 -18.12 -20.58 -5.15
C ASN A 190 -16.85 -19.80 -5.00
N LEU A 191 -16.14 -20.05 -3.91
CA LEU A 191 -14.91 -19.31 -3.62
C LEU A 191 -13.76 -19.97 -4.39
N PRO A 192 -12.60 -19.27 -4.45
CA PRO A 192 -11.41 -19.81 -5.12
C PRO A 192 -11.03 -21.19 -4.56
N SER A 193 -10.93 -22.20 -5.42
CA SER A 193 -10.44 -23.50 -4.98
C SER A 193 -9.27 -23.97 -5.83
N THR A 194 -8.91 -23.18 -6.81
CA THR A 194 -7.68 -23.40 -7.57
C THR A 194 -7.04 -22.05 -7.82
N GLY A 195 -5.80 -22.02 -8.28
CA GLY A 195 -5.06 -20.78 -8.40
C GLY A 195 -4.80 -20.22 -7.03
N LEU A 196 -4.57 -21.11 -6.06
CA LEU A 196 -4.37 -20.69 -4.68
C LEU A 196 -2.93 -20.24 -4.38
N GLU A 197 -2.04 -20.45 -5.34
CA GLU A 197 -0.62 -20.16 -5.05
C GLU A 197 0.09 -19.52 -6.20
N TYR A 198 1.00 -18.64 -5.87
CA TYR A 198 1.80 -18.03 -6.91
C TYR A 198 3.27 -18.13 -6.55
N ALA A 199 4.06 -18.76 -7.41
CA ALA A 199 5.48 -19.04 -7.12
C ALA A 199 6.46 -18.50 -8.15
N GLY A 200 5.96 -17.66 -9.04
CA GLY A 200 6.76 -17.11 -10.11
C GLY A 200 6.53 -17.94 -11.34
N LYS A 201 7.49 -18.79 -11.68
CA LYS A 201 7.36 -19.70 -12.80
C LYS A 201 7.23 -19.00 -14.12
N GLY A 202 7.87 -17.86 -14.25
CA GLY A 202 7.87 -17.15 -15.49
C GLY A 202 6.50 -16.56 -15.80
N THR A 203 5.66 -16.47 -14.78
CA THR A 203 4.37 -15.80 -14.94
C THR A 203 4.28 -14.64 -13.97
N THR A 204 3.28 -13.79 -14.14
CA THR A 204 2.93 -12.82 -13.12
C THR A 204 1.42 -12.72 -12.97
N ILE A 205 0.99 -12.39 -11.76
CA ILE A 205 -0.40 -12.27 -11.44
C ILE A 205 -1.09 -11.22 -12.33
N ASP A 206 -2.14 -11.65 -13.03
CA ASP A 206 -2.96 -10.73 -13.80
C ASP A 206 -4.09 -10.26 -12.87
N PHE A 207 -3.96 -9.03 -12.39
CA PHE A 207 -4.85 -8.54 -11.36
C PHE A 207 -6.22 -8.13 -11.92
N ASN A 208 -6.36 -8.19 -13.24
CA ASN A 208 -7.65 -7.97 -13.89
C ASN A 208 -8.50 -9.20 -13.86
N LYS A 209 -7.87 -10.36 -13.72
CA LYS A 209 -8.59 -11.62 -13.80
C LYS A 209 -8.56 -12.33 -12.45
N THR A 210 -7.73 -11.82 -11.55
CA THR A 210 -7.53 -12.43 -10.24
C THR A 210 -8.59 -11.90 -9.25
N LEU A 211 -9.16 -12.79 -8.45
CA LEU A 211 -10.20 -12.45 -7.50
C LEU A 211 -11.37 -11.78 -8.19
N LYS A 212 -11.66 -12.33 -9.37
CA LYS A 212 -12.77 -11.77 -10.15
C LYS A 212 -14.02 -12.63 -10.01
N VAL A 213 -15.13 -11.91 -9.89
CA VAL A 213 -16.45 -12.50 -9.80
C VAL A 213 -17.01 -12.84 -11.16
N ASP A 214 -17.61 -14.00 -11.23
CA ASP A 214 -18.26 -14.42 -12.44
C ASP A 214 -19.63 -14.93 -12.09
N VAL A 215 -20.66 -14.26 -12.64
CA VAL A 215 -22.03 -14.72 -12.49
C VAL A 215 -22.50 -15.32 -13.79
N THR A 216 -23.10 -16.50 -13.75
CA THR A 216 -23.60 -17.11 -14.98
C THR A 216 -25.12 -17.33 -14.94
N GLY A 217 -25.79 -17.12 -16.06
CA GLY A 217 -27.24 -17.25 -16.12
C GLY A 217 -27.95 -15.93 -16.37
N GLY A 218 -27.20 -14.83 -16.29
CA GLY A 218 -27.72 -13.55 -16.75
C GLY A 218 -28.99 -13.20 -16.02
N SER A 219 -30.09 -13.10 -16.76
CA SER A 219 -31.38 -12.72 -16.16
C SER A 219 -31.77 -13.67 -15.04
N THR A 220 -31.44 -14.96 -15.20
CA THR A 220 -31.76 -15.97 -14.19
C THR A 220 -30.47 -16.62 -13.67
N PRO A 221 -29.84 -15.99 -12.68
CA PRO A 221 -28.53 -16.43 -12.22
C PRO A 221 -28.56 -17.86 -11.75
N SER A 222 -27.56 -18.63 -12.14
CA SER A 222 -27.48 -20.01 -11.71
C SER A 222 -26.20 -20.31 -10.90
N ALA A 223 -25.13 -19.54 -11.12
CA ALA A 223 -23.86 -19.71 -10.40
C ALA A 223 -23.08 -18.40 -10.19
N VAL A 224 -22.36 -18.33 -9.09
CA VAL A 224 -21.52 -17.19 -8.81
C VAL A 224 -20.20 -17.73 -8.33
N ALA A 225 -19.10 -17.31 -8.96
CA ALA A 225 -17.79 -17.78 -8.54
C ALA A 225 -16.81 -16.62 -8.48
N VAL A 226 -15.80 -16.78 -7.63
CA VAL A 226 -14.72 -15.81 -7.56
C VAL A 226 -13.44 -16.58 -7.88
N SER A 227 -12.66 -16.04 -8.78
CA SER A 227 -11.46 -16.70 -9.25
C SER A 227 -10.34 -16.52 -8.22
N GLY A 228 -9.32 -17.37 -8.29
CA GLY A 228 -8.12 -17.16 -7.47
C GLY A 228 -7.09 -16.44 -8.32
N PHE A 229 -5.81 -16.76 -8.12
CA PHE A 229 -4.76 -16.23 -9.01
C PHE A 229 -5.00 -16.64 -10.43
N VAL A 230 -5.01 -15.64 -11.32
CA VAL A 230 -4.92 -15.89 -12.73
C VAL A 230 -3.71 -15.13 -13.18
N THR A 231 -2.85 -15.78 -13.95
CA THR A 231 -1.58 -15.20 -14.30
C THR A 231 -1.48 -15.03 -15.82
N LYS A 232 -0.45 -14.30 -16.26
CA LYS A 232 -0.05 -14.27 -17.65
C LYS A 232 1.45 -14.56 -17.78
N ASP A 233 1.85 -15.14 -18.90
CA ASP A 233 3.27 -15.39 -19.20
C ASP A 233 4.09 -14.10 -19.29
N ASP A 234 5.35 -14.18 -18.86
CA ASP A 234 6.30 -13.08 -18.94
C ASP A 234 6.73 -12.75 -20.37
N THR A 235 7.22 -13.75 -21.08
CA THR A 235 7.76 -13.53 -22.42
C THR A 235 7.11 -14.41 -23.48
N ASP A 236 7.68 -14.36 -24.67
CA ASP A 236 7.17 -15.11 -25.80
C ASP A 236 7.96 -16.41 -25.90
N LEU A 237 8.91 -16.55 -24.99
CA LEU A 237 9.66 -17.78 -24.84
C LEU A 237 8.74 -18.98 -24.60
N ALA A 238 9.06 -20.10 -25.23
CA ALA A 238 8.39 -21.35 -24.87
C ALA A 238 8.69 -21.61 -23.39
N LYS A 239 7.87 -22.43 -22.75
CA LYS A 239 7.98 -22.60 -21.31
C LYS A 239 9.28 -23.32 -20.92
N SER A 240 9.68 -24.29 -21.73
CA SER A 240 10.90 -25.06 -21.47
C SER A 240 11.54 -25.36 -22.80
N GLY A 241 12.80 -25.76 -22.77
CA GLY A 241 13.51 -26.14 -23.97
C GLY A 241 14.96 -25.72 -23.96
N THR A 242 15.46 -25.32 -25.13
CA THR A 242 16.86 -24.92 -25.31
C THR A 242 16.97 -23.75 -26.26
N ILE A 243 17.55 -22.65 -25.81
CA ILE A 243 17.87 -21.56 -26.72
C ILE A 243 19.38 -21.50 -26.92
N ASN A 244 19.81 -21.31 -28.17
CA ASN A 244 21.19 -20.99 -28.44
C ASN A 244 21.34 -19.48 -28.38
N VAL A 245 22.27 -18.99 -27.59
CA VAL A 245 22.65 -17.58 -27.63
C VAL A 245 24.10 -17.49 -28.10
N ARG A 246 24.30 -16.98 -29.31
CA ARG A 246 25.63 -16.83 -29.91
C ARG A 246 26.12 -15.41 -29.65
N VAL A 247 27.40 -15.26 -29.32
CA VAL A 247 27.97 -13.92 -29.15
C VAL A 247 29.11 -13.67 -30.13
N ILE A 248 28.91 -12.76 -31.07
CA ILE A 248 29.91 -12.47 -32.11
C ILE A 248 30.27 -10.97 -32.15
N ASN A 249 31.24 -10.59 -32.97
CA ASN A 249 31.62 -9.17 -33.10
C ASN A 249 31.62 -8.60 -34.52
N TYR B 8 -8.55 33.05 17.66
CA TYR B 8 -7.45 33.94 17.26
C TYR B 8 -7.87 35.05 16.28
N THR B 9 -7.34 34.99 15.06
CA THR B 9 -7.56 36.02 14.05
C THR B 9 -7.03 35.69 12.65
N VAL B 10 -7.73 36.17 11.63
CA VAL B 10 -7.38 35.97 10.22
C VAL B 10 -7.61 37.26 9.42
N VAL B 11 -6.78 37.48 8.41
CA VAL B 11 -6.88 38.68 7.57
C VAL B 11 -8.25 38.73 6.90
N LYS B 12 -8.55 39.85 6.24
CA LYS B 12 -9.76 39.92 5.41
C LYS B 12 -9.67 38.94 4.24
N ASN B 13 -8.48 38.82 3.66
CA ASN B 13 -8.27 37.93 2.52
C ASN B 13 -8.57 36.46 2.79
N ASP B 14 -8.19 35.99 3.97
CA ASP B 14 -8.37 34.59 4.35
C ASP B 14 -9.68 34.34 5.12
N TRP B 15 -10.73 35.12 4.84
CA TRP B 15 -12.03 34.88 5.45
C TRP B 15 -12.72 33.66 4.85
N LYS B 16 -12.64 33.52 3.52
CA LYS B 16 -13.22 32.38 2.82
C LYS B 16 -12.60 31.07 3.28
N LYS B 17 -11.32 31.13 3.65
CA LYS B 17 -10.61 30.00 4.23
C LYS B 17 -11.11 29.71 5.66
N ALA B 18 -11.11 30.72 6.52
CA ALA B 18 -11.52 30.55 7.92
C ALA B 18 -12.98 30.11 8.03
N VAL B 19 -13.80 30.58 7.10
CA VAL B 19 -15.23 30.25 7.05
C VAL B 19 -15.51 28.80 6.69
N LYS B 20 -14.72 28.26 5.77
CA LYS B 20 -14.87 26.86 5.40
C LYS B 20 -14.47 25.98 6.57
N GLN B 21 -13.60 26.50 7.43
CA GLN B 21 -13.11 25.77 8.61
C GLN B 21 -14.31 25.48 9.50
N LEU B 22 -14.90 26.55 10.00
CA LEU B 22 -16.12 26.52 10.81
C LEU B 22 -17.23 25.66 10.20
N GLN B 23 -17.47 25.83 8.91
CA GLN B 23 -18.37 24.96 8.16
C GLN B 23 -18.01 23.48 8.34
N ASP B 24 -16.77 23.12 8.00
CA ASP B 24 -16.29 21.74 8.17
C ASP B 24 -16.51 21.17 9.59
N GLY B 25 -16.27 21.97 10.62
CA GLY B 25 -16.51 21.51 11.99
C GLY B 25 -17.99 21.37 12.40
N LEU B 26 -18.89 22.11 11.74
CA LEU B 26 -20.30 21.85 11.96
C LEU B 26 -20.62 20.52 11.27
N LYS B 27 -19.98 20.30 10.12
CA LYS B 27 -20.35 19.20 9.23
C LYS B 27 -19.92 17.83 9.76
N ASP B 28 -18.91 17.82 10.62
CA ASP B 28 -18.41 16.57 11.18
C ASP B 28 -18.77 16.45 12.66
N ASN B 29 -19.58 17.38 13.14
CA ASN B 29 -20.26 17.18 14.40
C ASN B 29 -19.36 17.42 15.60
N SER B 30 -18.26 18.11 15.38
CA SER B 30 -17.51 18.66 16.50
C SER B 30 -18.23 19.92 16.98
N ILE B 31 -18.23 20.96 16.16
CA ILE B 31 -18.91 22.22 16.53
C ILE B 31 -20.40 22.01 16.79
N GLY B 32 -20.81 22.14 18.04
CA GLY B 32 -22.22 22.02 18.39
C GLY B 32 -23.02 23.31 18.25
N LYS B 33 -22.31 24.44 18.10
CA LYS B 33 -22.94 25.77 17.97
C LYS B 33 -21.96 26.91 17.77
N ILE B 34 -22.29 27.84 16.88
CA ILE B 34 -21.52 29.07 16.73
C ILE B 34 -22.35 30.30 17.15
N THR B 35 -21.71 31.46 17.22
CA THR B 35 -22.38 32.77 17.44
C THR B 35 -21.56 33.88 16.75
N VAL B 36 -22.19 34.65 15.86
CA VAL B 36 -21.48 35.68 15.07
C VAL B 36 -21.58 37.08 15.69
N SER B 37 -20.48 37.83 15.63
CA SER B 37 -20.46 39.23 16.07
C SER B 37 -19.80 40.15 15.01
N PHE B 38 -20.51 41.21 14.63
CA PHE B 38 -19.95 42.28 13.78
C PHE B 38 -19.53 43.44 14.67
N ASN B 39 -18.21 43.59 14.87
CA ASN B 39 -17.66 44.62 15.76
C ASN B 39 -18.30 44.54 17.16
N ASP B 40 -18.32 43.33 17.73
CA ASP B 40 -18.88 43.07 19.07
C ASP B 40 -20.40 43.31 19.23
N GLY B 41 -21.08 43.48 18.10
CA GLY B 41 -22.51 43.50 18.09
C GLY B 41 -22.98 42.11 17.72
N VAL B 42 -23.36 41.33 18.74
CA VAL B 42 -23.88 39.98 18.51
C VAL B 42 -24.94 40.00 17.40
N VAL B 43 -24.72 39.13 16.41
CA VAL B 43 -25.54 39.11 15.19
C VAL B 43 -26.47 37.89 15.14
N GLY B 44 -26.06 36.80 15.80
CA GLY B 44 -26.83 35.57 15.81
C GLY B 44 -26.07 34.27 16.13
N GLU B 45 -26.79 33.14 16.05
CA GLU B 45 -26.27 31.83 16.44
C GLU B 45 -26.73 30.64 15.56
N VAL B 46 -25.76 29.98 14.91
CA VAL B 46 -26.00 28.86 13.99
C VAL B 46 -25.77 27.52 14.67
N ALA B 47 -26.72 26.60 14.54
CA ALA B 47 -26.55 25.26 15.11
C ALA B 47 -27.46 24.28 14.39
N PRO B 48 -27.02 23.01 14.24
CA PRO B 48 -27.90 22.08 13.52
C PRO B 48 -29.12 21.89 14.37
N LYS B 49 -30.30 21.77 13.76
CA LYS B 49 -31.53 21.47 14.50
C LYS B 49 -31.34 20.14 15.23
N SER B 50 -30.87 19.15 14.50
CA SER B 50 -30.69 17.83 15.05
C SER B 50 -29.30 17.44 14.61
N ALA B 51 -28.42 17.16 15.56
CA ALA B 51 -27.01 16.97 15.24
C ALA B 51 -26.66 15.68 14.54
N ASN B 52 -27.53 14.68 14.65
CA ASN B 52 -27.24 13.34 14.09
C ASN B 52 -27.74 13.19 12.68
N LYS B 53 -28.07 14.31 12.05
CA LYS B 53 -28.52 14.35 10.66
C LYS B 53 -27.50 15.13 9.87
N LYS B 54 -27.01 14.54 8.79
CA LYS B 54 -26.13 15.22 7.88
C LYS B 54 -26.80 16.46 7.31
N ALA B 55 -28.05 16.32 6.87
CA ALA B 55 -28.74 17.42 6.22
C ALA B 55 -28.79 18.59 7.16
N ASP B 56 -28.97 18.29 8.43
CA ASP B 56 -29.08 19.33 9.44
C ASP B 56 -27.76 20.06 9.62
N ARG B 57 -26.67 19.29 9.72
CA ARG B 57 -25.37 19.90 9.95
C ARG B 57 -24.97 20.71 8.75
N ASP B 58 -25.33 20.23 7.58
CA ASP B 58 -25.10 20.97 6.36
C ASP B 58 -25.86 22.28 6.31
N ALA B 59 -27.13 22.25 6.70
CA ALA B 59 -27.95 23.46 6.70
C ALA B 59 -27.35 24.50 7.65
N ALA B 60 -26.94 24.04 8.83
CA ALA B 60 -26.34 24.93 9.79
C ALA B 60 -25.16 25.66 9.13
N ALA B 61 -24.37 24.89 8.39
CA ALA B 61 -23.22 25.43 7.70
C ALA B 61 -23.57 26.40 6.59
N GLU B 62 -24.51 26.02 5.73
CA GLU B 62 -24.90 26.91 4.64
C GLU B 62 -25.47 28.23 5.18
N LYS B 63 -26.06 28.18 6.37
CA LYS B 63 -26.60 29.40 6.97
C LYS B 63 -25.49 30.34 7.38
N LEU B 64 -24.41 29.76 7.89
CA LEU B 64 -23.29 30.53 8.37
C LEU B 64 -22.78 31.37 7.21
N TYR B 65 -22.50 30.70 6.09
CA TYR B 65 -21.99 31.37 4.90
C TYR B 65 -22.94 32.50 4.46
N ASN B 66 -24.23 32.15 4.32
CA ASN B 66 -25.26 33.12 3.92
C ASN B 66 -25.21 34.37 4.77
N LEU B 67 -25.04 34.17 6.07
CA LEU B 67 -25.15 35.23 7.07
C LEU B 67 -24.06 36.30 7.00
N VAL B 68 -22.79 35.88 7.03
CA VAL B 68 -21.70 36.83 7.14
C VAL B 68 -20.98 37.01 5.82
N ASN B 69 -21.38 36.21 4.84
CA ASN B 69 -20.95 36.36 3.45
C ASN B 69 -20.71 37.82 3.03
N THR B 70 -21.64 38.68 3.43
CA THR B 70 -21.64 40.07 3.01
C THR B 70 -20.74 41.02 3.82
N GLN B 71 -20.78 40.92 5.15
CA GLN B 71 -19.91 41.76 5.98
C GLN B 71 -18.43 41.38 5.88
N LEU B 72 -18.13 40.15 5.45
CA LEU B 72 -16.74 39.71 5.31
C LEU B 72 -16.12 40.12 3.99
N ASP B 73 -16.93 40.11 2.92
CA ASP B 73 -16.43 40.37 1.58
C ASP B 73 -16.10 41.86 1.36
N LYS B 74 -16.80 42.73 2.09
CA LYS B 74 -16.56 44.17 2.02
C LYS B 74 -16.16 44.72 3.38
N LEU B 75 -15.50 43.87 4.18
CA LEU B 75 -15.17 44.21 5.57
C LEU B 75 -14.60 45.63 5.67
N GLY B 76 -15.35 46.51 6.33
CA GLY B 76 -14.92 47.87 6.53
C GLY B 76 -13.52 47.95 7.13
N ASP B 77 -12.95 49.15 7.09
CA ASP B 77 -11.60 49.35 7.62
C ASP B 77 -11.61 49.44 9.15
N GLY B 78 -10.84 48.56 9.79
CA GLY B 78 -10.82 48.45 11.23
C GLY B 78 -11.85 47.46 11.73
N ASP B 79 -13.05 47.50 11.15
CA ASP B 79 -14.12 46.58 11.48
C ASP B 79 -13.66 45.14 11.30
N TYR B 80 -14.41 44.23 11.91
CA TYR B 80 -14.04 42.82 11.91
C TYR B 80 -15.31 41.98 12.02
N VAL B 81 -15.11 40.67 12.02
CA VAL B 81 -16.16 39.68 12.22
C VAL B 81 -15.69 38.67 13.28
N ASP B 82 -16.55 38.44 14.27
CA ASP B 82 -16.23 37.61 15.43
C ASP B 82 -17.12 36.37 15.55
N PHE B 83 -16.55 35.20 15.28
CA PHE B 83 -17.24 33.93 15.42
C PHE B 83 -16.89 33.25 16.75
N SER B 84 -17.89 33.00 17.59
CA SER B 84 -17.69 32.26 18.84
C SER B 84 -18.14 30.82 18.64
N VAL B 85 -17.17 29.91 18.67
CA VAL B 85 -17.36 28.53 18.26
C VAL B 85 -17.35 27.58 19.48
N ASP B 86 -18.53 27.10 19.88
CA ASP B 86 -18.61 26.06 20.91
C ASP B 86 -18.45 24.68 20.24
N TYR B 87 -17.52 23.88 20.73
CA TYR B 87 -17.20 22.60 20.08
C TYR B 87 -16.99 21.45 21.07
N ASN B 88 -17.21 20.21 20.61
CA ASN B 88 -16.86 19.05 21.41
C ASN B 88 -16.35 17.87 20.56
N LEU B 89 -15.10 17.49 20.81
CA LEU B 89 -14.40 16.59 19.91
C LEU B 89 -14.80 15.13 20.08
N GLU B 90 -15.21 14.75 21.28
CA GLU B 90 -15.89 13.47 21.45
C GLU B 90 -16.99 13.18 20.41
N ASN B 91 -17.60 14.23 19.87
CA ASN B 91 -18.70 14.07 18.92
C ASN B 91 -18.22 14.04 17.47
N LYS B 92 -16.98 14.48 17.24
CA LYS B 92 -16.40 14.43 15.90
C LYS B 92 -16.54 13.03 15.32
N ILE B 93 -16.80 12.95 14.02
CA ILE B 93 -17.03 11.67 13.33
C ILE B 93 -16.33 11.55 11.96
N ILE B 94 -16.30 10.34 11.41
CA ILE B 94 -15.81 10.16 10.06
C ILE B 94 -17.01 10.23 9.14
N THR B 95 -17.04 11.23 8.27
CA THR B 95 -18.30 11.55 7.60
C THR B 95 -18.46 10.88 6.25
N ASN B 96 -17.34 10.55 5.61
CA ASN B 96 -17.39 9.86 4.34
C ASN B 96 -16.71 8.46 4.39
N GLN B 97 -17.30 7.53 3.64
CA GLN B 97 -16.92 6.13 3.68
C GLN B 97 -15.48 5.93 3.25
N ALA B 98 -15.09 6.68 2.24
CA ALA B 98 -13.74 6.59 1.70
C ALA B 98 -12.68 7.03 2.70
N ASP B 99 -12.99 8.04 3.49
CA ASP B 99 -12.00 8.49 4.46
C ASP B 99 -11.77 7.43 5.53
N ALA B 100 -12.75 6.55 5.69
CA ALA B 100 -12.68 5.43 6.61
C ALA B 100 -11.87 4.29 5.98
N GLU B 101 -12.28 3.88 4.78
CA GLU B 101 -11.54 2.92 3.99
C GLU B 101 -10.05 3.22 3.95
N ALA B 102 -9.70 4.48 3.71
CA ALA B 102 -8.28 4.86 3.70
C ALA B 102 -7.57 4.30 4.92
N ILE B 103 -8.27 4.28 6.04
CA ILE B 103 -7.72 3.79 7.29
C ILE B 103 -7.66 2.26 7.29
N VAL B 104 -8.73 1.62 6.83
CA VAL B 104 -8.70 0.17 6.71
C VAL B 104 -7.54 -0.22 5.79
N THR B 105 -7.57 0.25 4.54
CA THR B 105 -6.54 -0.13 3.56
C THR B 105 -5.17 0.09 4.17
N LYS B 106 -5.01 1.19 4.89
CA LYS B 106 -3.73 1.49 5.54
C LYS B 106 -3.41 0.51 6.67
N LEU B 107 -4.43 0.04 7.38
CA LEU B 107 -4.21 -0.99 8.37
C LEU B 107 -3.85 -2.33 7.70
N ASN B 108 -4.44 -2.60 6.55
CA ASN B 108 -4.17 -3.83 5.83
C ASN B 108 -2.72 -3.80 5.32
N SER B 109 -2.24 -2.60 4.99
CA SER B 109 -0.84 -2.41 4.55
C SER B 109 0.16 -2.97 5.56
N LEU B 110 -0.33 -3.24 6.78
CA LEU B 110 0.53 -3.71 7.86
C LEU B 110 0.41 -5.21 8.10
N ASN B 111 -0.35 -5.89 7.24
CA ASN B 111 -0.73 -7.26 7.52
C ASN B 111 0.42 -8.24 7.64
N GLU B 112 1.49 -8.00 6.88
CA GLU B 112 2.62 -8.92 6.82
C GLU B 112 3.70 -8.55 7.84
N LYS B 113 3.53 -7.41 8.50
CA LYS B 113 4.49 -7.00 9.51
C LYS B 113 4.58 -8.01 10.65
N THR B 114 5.79 -8.45 10.93
CA THR B 114 6.03 -9.43 11.98
C THR B 114 6.00 -8.75 13.36
N LEU B 115 5.24 -9.34 14.28
CA LEU B 115 5.11 -8.81 15.65
C LEU B 115 6.02 -9.59 16.60
N ILE B 116 6.07 -10.90 16.41
CA ILE B 116 6.87 -11.75 17.25
C ILE B 116 7.54 -12.81 16.40
N ASP B 117 8.87 -12.77 16.32
CA ASP B 117 9.63 -13.78 15.57
C ASP B 117 9.47 -15.19 16.10
N ILE B 118 9.69 -16.18 15.23
CA ILE B 118 9.83 -17.56 15.65
C ILE B 118 10.88 -17.69 16.75
N ALA B 119 10.55 -18.37 17.85
CA ALA B 119 11.50 -18.57 18.94
C ALA B 119 12.81 -19.29 18.51
N THR B 120 13.89 -19.11 19.26
CA THR B 120 15.07 -20.03 19.22
C THR B 120 15.35 -20.55 20.62
N LYS B 121 16.44 -21.28 20.80
CA LYS B 121 16.76 -21.74 22.15
C LYS B 121 17.34 -20.64 23.02
N ASP B 122 17.80 -19.54 22.40
CA ASP B 122 18.40 -18.40 23.10
C ASP B 122 17.45 -17.23 23.22
N THR B 123 16.60 -17.03 22.21
CA THR B 123 15.66 -15.90 22.22
C THR B 123 14.18 -16.30 22.20
N PHE B 124 13.36 -15.61 22.96
CA PHE B 124 11.95 -15.96 23.05
C PHE B 124 11.17 -15.61 21.80
N GLY B 125 10.13 -16.38 21.50
CA GLY B 125 9.23 -16.01 20.42
C GLY B 125 8.08 -16.99 20.29
N MET B 126 7.60 -17.13 19.06
CA MET B 126 6.60 -18.13 18.75
C MET B 126 7.18 -19.59 18.78
N VAL B 127 6.54 -20.42 19.60
CA VAL B 127 6.83 -21.83 19.74
C VAL B 127 5.52 -22.54 19.46
N SER B 128 5.61 -23.81 19.02
CA SER B 128 4.39 -24.59 18.86
C SER B 128 3.65 -24.72 20.20
N LYS B 129 2.36 -24.98 20.14
CA LYS B 129 1.58 -25.18 21.35
C LYS B 129 1.85 -26.56 21.93
N THR B 130 2.28 -27.49 21.08
CA THR B 130 2.59 -28.84 21.53
C THR B 130 4.11 -29.05 21.69
N GLN B 131 4.54 -29.32 22.93
CA GLN B 131 5.93 -29.65 23.24
C GLN B 131 6.43 -30.93 22.56
N ASP B 132 7.73 -31.17 22.58
CA ASP B 132 8.27 -32.36 21.93
C ASP B 132 8.29 -33.61 22.83
N SER B 133 8.87 -34.69 22.30
CA SER B 133 8.98 -35.95 23.02
C SER B 133 9.52 -35.75 24.46
N GLU B 134 10.47 -34.83 24.63
CA GLU B 134 11.07 -34.55 25.94
C GLU B 134 10.33 -33.47 26.77
N GLY B 135 9.19 -32.99 26.28
CA GLY B 135 8.49 -31.90 26.97
C GLY B 135 9.23 -30.58 26.88
N LYS B 136 9.90 -30.35 25.75
CA LYS B 136 10.52 -29.07 25.49
C LYS B 136 9.75 -28.37 24.37
N ASN B 137 9.81 -27.05 24.35
CA ASN B 137 9.17 -26.28 23.30
C ASN B 137 9.86 -26.44 21.96
N VAL B 138 9.02 -26.52 20.93
CA VAL B 138 9.47 -26.58 19.55
C VAL B 138 9.17 -25.26 18.84
N ALA B 139 10.04 -24.83 17.93
CA ALA B 139 9.84 -23.57 17.23
C ALA B 139 8.51 -23.59 16.47
N ALA B 140 7.79 -22.47 16.41
CA ALA B 140 6.56 -22.38 15.60
C ALA B 140 6.89 -22.39 14.10
N THR B 141 5.91 -22.67 13.27
CA THR B 141 6.14 -22.77 11.83
C THR B 141 6.13 -21.41 11.12
N LYS B 142 5.51 -20.42 11.74
CA LYS B 142 5.54 -19.06 11.20
C LYS B 142 5.68 -18.06 12.32
N ALA B 143 6.22 -16.91 11.97
CA ALA B 143 6.22 -15.77 12.86
C ALA B 143 4.78 -15.26 13.11
N LEU B 144 4.58 -14.61 14.26
CA LEU B 144 3.30 -13.96 14.52
C LEU B 144 3.25 -12.63 13.81
N LYS B 145 2.38 -12.53 12.80
CA LYS B 145 2.23 -11.29 12.04
C LYS B 145 0.94 -10.56 12.37
N VAL B 146 0.90 -9.27 12.06
CA VAL B 146 -0.28 -8.47 12.25
C VAL B 146 -1.53 -9.24 11.81
N LYS B 147 -1.49 -9.77 10.61
CA LYS B 147 -2.68 -10.38 10.03
C LYS B 147 -3.16 -11.65 10.76
N ASP B 148 -2.29 -12.22 11.60
CA ASP B 148 -2.67 -13.38 12.42
C ASP B 148 -3.39 -12.92 13.69
N VAL B 149 -3.22 -11.66 14.02
CA VAL B 149 -3.76 -11.11 15.25
C VAL B 149 -5.13 -10.45 15.08
N ALA B 150 -5.34 -9.77 13.95
CA ALA B 150 -6.60 -9.10 13.71
C ALA B 150 -6.96 -8.93 12.24
N THR B 151 -8.26 -8.80 11.97
CA THR B 151 -8.68 -8.38 10.63
C THR B 151 -9.39 -7.01 10.72
N PHE B 152 -9.53 -6.33 9.59
CA PHE B 152 -9.90 -4.92 9.59
C PHE B 152 -11.04 -4.72 8.65
N GLY B 153 -11.96 -3.83 9.03
CA GLY B 153 -13.05 -3.44 8.17
C GLY B 153 -13.84 -2.26 8.69
N LEU B 154 -14.92 -1.92 8.01
CA LEU B 154 -15.79 -0.90 8.55
C LEU B 154 -16.84 -1.61 9.35
N LYS B 155 -17.16 -1.10 10.53
CA LYS B 155 -18.28 -1.64 11.27
C LYS B 155 -19.46 -1.52 10.33
N SER B 156 -20.33 -2.51 10.33
CA SER B 156 -21.53 -2.43 9.50
C SER B 156 -22.47 -1.42 10.11
N GLY B 157 -23.18 -0.68 9.25
CA GLY B 157 -24.16 0.28 9.72
C GLY B 157 -23.66 1.72 9.70
N GLY B 158 -22.51 1.92 9.08
CA GLY B 158 -21.97 3.25 8.92
C GLY B 158 -22.94 4.09 8.11
N SER B 159 -22.80 5.40 8.19
CA SER B 159 -23.67 6.27 7.44
C SER B 159 -23.13 7.67 7.53
N GLU B 160 -23.52 8.54 6.61
CA GLU B 160 -23.04 9.89 6.65
C GLU B 160 -23.68 10.68 7.77
N ASP B 161 -24.84 10.22 8.23
CA ASP B 161 -25.53 10.87 9.33
C ASP B 161 -24.78 10.59 10.63
N THR B 162 -24.45 9.33 10.80
CA THR B 162 -24.11 8.81 12.11
C THR B 162 -22.60 8.68 12.19
N GLY B 163 -21.99 8.48 11.03
CA GLY B 163 -20.56 8.35 10.94
C GLY B 163 -20.19 6.92 10.58
N TYR B 164 -18.96 6.77 10.11
CA TYR B 164 -18.39 5.47 9.80
C TYR B 164 -17.40 5.05 10.87
N VAL B 165 -17.43 3.78 11.25
CA VAL B 165 -16.51 3.31 12.28
C VAL B 165 -15.54 2.24 11.72
N VAL B 166 -14.25 2.42 11.98
CA VAL B 166 -13.24 1.44 11.61
C VAL B 166 -13.18 0.44 12.74
N GLU B 167 -13.18 -0.84 12.38
CA GLU B 167 -13.33 -1.91 13.35
C GLU B 167 -12.28 -2.95 13.11
N MET B 168 -11.64 -3.44 14.18
CA MET B 168 -10.76 -4.61 14.08
C MET B 168 -11.38 -5.80 14.81
N LYS B 169 -11.09 -7.01 14.32
CA LYS B 169 -11.58 -8.25 14.92
C LYS B 169 -10.41 -9.21 15.24
N ALA B 170 -10.35 -9.68 16.48
CA ALA B 170 -9.27 -10.55 16.90
C ALA B 170 -9.24 -11.80 16.04
N GLY B 171 -8.04 -12.29 15.75
CA GLY B 171 -7.91 -13.58 15.09
C GLY B 171 -7.91 -14.70 16.12
N ALA B 172 -7.32 -15.84 15.74
CA ALA B 172 -7.16 -16.96 16.65
C ALA B 172 -5.77 -17.46 16.44
N VAL B 173 -5.03 -17.58 17.55
CA VAL B 173 -3.64 -18.03 17.49
C VAL B 173 -3.46 -19.28 18.32
N GLU B 174 -2.94 -20.32 17.68
CA GLU B 174 -2.64 -21.58 18.37
C GLU B 174 -1.28 -21.51 19.02
N ASP B 175 -0.32 -21.01 18.25
CA ASP B 175 1.06 -20.94 18.70
C ASP B 175 1.14 -20.17 20.00
N LYS B 176 2.24 -20.33 20.73
CA LYS B 176 2.36 -19.64 22.00
C LYS B 176 3.70 -18.95 22.10
N TYR B 177 4.02 -18.44 23.29
CA TYR B 177 5.20 -17.64 23.46
C TYR B 177 6.18 -18.30 24.41
N GLY B 178 7.41 -18.55 23.93
CA GLY B 178 8.39 -19.21 24.74
C GLY B 178 9.73 -19.36 24.07
N LYS B 179 10.52 -20.28 24.60
CA LYS B 179 11.88 -20.47 24.11
C LYS B 179 12.06 -21.91 23.67
N VAL B 180 12.70 -22.13 22.52
CA VAL B 180 12.93 -23.50 22.05
C VAL B 180 13.77 -24.31 23.06
N GLY B 181 13.44 -25.59 23.25
CA GLY B 181 14.16 -26.42 24.22
C GLY B 181 13.79 -26.21 25.69
N ASP B 182 13.02 -25.15 25.97
CA ASP B 182 12.54 -24.86 27.32
C ASP B 182 11.43 -25.80 27.79
N SER B 183 11.45 -26.13 29.08
CA SER B 183 10.49 -27.07 29.62
C SER B 183 9.16 -26.37 29.90
N THR B 184 9.25 -25.12 30.37
CA THR B 184 8.08 -24.37 30.74
C THR B 184 7.23 -24.08 29.49
N ALA B 185 5.96 -24.48 29.54
CA ALA B 185 5.09 -24.35 28.38
C ALA B 185 4.99 -22.91 27.87
N GLY B 186 4.66 -22.80 26.59
CA GLY B 186 4.51 -21.50 25.96
C GLY B 186 3.30 -20.79 26.50
N ILE B 187 3.44 -19.50 26.74
CA ILE B 187 2.30 -18.76 27.28
C ILE B 187 1.42 -18.19 26.16
N ALA B 188 0.11 -18.27 26.34
CA ALA B 188 -0.81 -17.79 25.33
C ALA B 188 -0.64 -16.30 25.03
N ILE B 189 -0.90 -15.95 23.79
CA ILE B 189 -0.92 -14.56 23.37
C ILE B 189 -2.33 -14.00 23.59
N ASN B 190 -2.42 -12.93 24.37
CA ASN B 190 -3.71 -12.26 24.58
C ASN B 190 -3.98 -11.28 23.45
N LEU B 191 -5.00 -11.58 22.66
CA LEU B 191 -5.36 -10.78 21.50
C LEU B 191 -6.28 -9.67 21.95
N PRO B 192 -6.25 -8.54 21.21
CA PRO B 192 -7.08 -7.37 21.47
C PRO B 192 -8.51 -7.80 21.80
N SER B 193 -9.02 -7.30 22.91
CA SER B 193 -10.34 -7.65 23.40
C SER B 193 -11.04 -6.35 23.69
N THR B 194 -10.26 -5.27 23.66
CA THR B 194 -10.78 -3.92 23.89
C THR B 194 -10.08 -2.97 22.92
N GLY B 195 -10.68 -1.80 22.67
CA GLY B 195 -10.16 -0.85 21.70
C GLY B 195 -10.28 -1.35 20.27
N LEU B 196 -11.41 -1.96 19.96
CA LEU B 196 -11.60 -2.60 18.67
C LEU B 196 -12.15 -1.63 17.61
N GLU B 197 -12.50 -0.42 18.05
CA GLU B 197 -13.15 0.51 17.17
C GLU B 197 -12.44 1.85 17.16
N TYR B 198 -12.55 2.55 16.04
CA TYR B 198 -12.00 3.87 15.93
C TYR B 198 -12.96 4.66 15.10
N ALA B 199 -13.49 5.73 15.68
CA ALA B 199 -14.60 6.47 15.09
C ALA B 199 -14.29 7.94 14.89
N GLY B 200 -13.04 8.31 15.15
CA GLY B 200 -12.58 9.69 15.05
C GLY B 200 -12.48 10.28 16.45
N LYS B 201 -13.53 11.00 16.84
CA LYS B 201 -13.65 11.58 18.18
C LYS B 201 -12.47 12.46 18.55
N GLY B 202 -11.90 13.13 17.56
CA GLY B 202 -10.84 14.09 17.80
C GLY B 202 -9.55 13.39 18.17
N THR B 203 -9.42 12.13 17.75
CA THR B 203 -8.21 11.37 17.94
C THR B 203 -7.73 10.75 16.63
N THR B 204 -6.44 10.47 16.56
CA THR B 204 -5.95 9.65 15.49
C THR B 204 -5.34 8.37 16.06
N ILE B 205 -5.32 7.34 15.23
CA ILE B 205 -4.71 6.08 15.60
C ILE B 205 -3.20 6.28 15.71
N ASP B 206 -2.66 6.00 16.90
CA ASP B 206 -1.21 5.96 17.08
C ASP B 206 -0.70 4.57 16.64
N PHE B 207 -0.01 4.50 15.51
CA PHE B 207 0.39 3.20 14.97
C PHE B 207 1.59 2.60 15.67
N ASN B 208 2.19 3.34 16.59
CA ASN B 208 3.28 2.80 17.37
C ASN B 208 2.70 1.92 18.46
N LYS B 209 1.73 2.50 19.17
CA LYS B 209 1.10 1.84 20.30
C LYS B 209 -0.03 0.89 19.90
N THR B 210 -0.54 1.04 18.67
CA THR B 210 -1.57 0.14 18.12
C THR B 210 -1.01 -1.21 17.61
N LEU B 211 -1.70 -2.28 17.96
CA LEU B 211 -1.23 -3.62 17.60
C LEU B 211 0.24 -3.71 17.98
N LYS B 212 0.50 -3.40 19.24
CA LYS B 212 1.84 -3.52 19.76
C LYS B 212 1.87 -4.67 20.76
N VAL B 213 3.02 -5.31 20.86
CA VAL B 213 3.22 -6.38 21.78
C VAL B 213 3.59 -5.85 23.14
N ASP B 214 3.01 -6.43 24.18
CA ASP B 214 3.45 -6.15 25.53
C ASP B 214 3.71 -7.44 26.29
N VAL B 215 4.97 -7.85 26.37
CA VAL B 215 5.32 -8.98 27.20
C VAL B 215 5.68 -8.52 28.61
N THR B 216 5.05 -9.12 29.61
CA THR B 216 5.29 -8.81 31.01
C THR B 216 6.15 -9.91 31.63
N GLY B 217 7.20 -9.49 32.34
CA GLY B 217 8.10 -10.38 33.01
C GLY B 217 9.43 -10.45 32.27
N GLY B 218 9.53 -9.66 31.20
CA GLY B 218 10.69 -9.71 30.34
C GLY B 218 11.29 -11.10 30.23
N SER B 219 12.52 -11.25 30.73
CA SER B 219 13.28 -12.50 30.70
C SER B 219 12.55 -13.70 31.32
N THR B 220 11.65 -13.42 32.27
CA THR B 220 10.81 -14.43 32.89
C THR B 220 9.32 -14.09 32.73
N PRO B 221 8.77 -14.36 31.53
CA PRO B 221 7.46 -13.83 31.13
C PRO B 221 6.30 -14.52 31.82
N SER B 222 5.32 -13.74 32.27
CA SER B 222 4.09 -14.32 32.78
C SER B 222 2.97 -14.15 31.78
N ALA B 223 3.13 -13.19 30.87
CA ALA B 223 2.04 -12.92 29.93
C ALA B 223 2.48 -12.12 28.72
N VAL B 224 1.71 -12.28 27.65
CA VAL B 224 1.93 -11.52 26.44
C VAL B 224 0.58 -11.07 25.88
N ALA B 225 0.48 -9.80 25.51
CA ALA B 225 -0.71 -9.29 24.84
C ALA B 225 -0.34 -8.41 23.66
N VAL B 226 -1.29 -8.22 22.74
CA VAL B 226 -1.17 -7.29 21.63
C VAL B 226 -2.32 -6.29 21.79
N SER B 227 -2.00 -5.01 21.69
CA SER B 227 -2.98 -3.95 21.92
C SER B 227 -3.86 -3.85 20.69
N GLY B 228 -5.04 -3.28 20.88
CA GLY B 228 -5.89 -2.92 19.76
C GLY B 228 -5.58 -1.50 19.34
N PHE B 229 -6.60 -0.73 18.96
CA PHE B 229 -6.38 0.66 18.55
C PHE B 229 -5.97 1.47 19.75
N VAL B 230 -4.87 2.20 19.61
CA VAL B 230 -4.51 3.18 20.64
C VAL B 230 -4.35 4.52 19.95
N THR B 231 -5.09 5.49 20.46
CA THR B 231 -5.22 6.77 19.82
C THR B 231 -4.40 7.80 20.56
N LYS B 232 -4.02 8.85 19.85
CA LYS B 232 -3.58 10.09 20.48
C LYS B 232 -4.53 11.25 20.12
N ASP B 233 -4.51 12.32 20.89
CA ASP B 233 -5.32 13.49 20.58
C ASP B 233 -4.89 14.15 19.28
N ASP B 234 -5.87 14.56 18.49
CA ASP B 234 -5.64 15.26 17.22
C ASP B 234 -4.76 16.48 17.40
N THR B 235 -5.24 17.45 18.17
CA THR B 235 -4.45 18.63 18.45
C THR B 235 -4.17 18.81 19.93
N ASP B 236 -3.60 19.96 20.23
CA ASP B 236 -3.27 20.37 21.58
C ASP B 236 -4.44 21.10 22.23
N LEU B 237 -5.36 21.59 21.40
CA LEU B 237 -6.58 22.25 21.88
C LEU B 237 -7.40 21.30 22.75
N ALA B 238 -8.04 21.83 23.78
CA ALA B 238 -8.84 21.01 24.68
C ALA B 238 -9.91 20.21 23.95
N LYS B 239 -10.50 19.26 24.67
CA LYS B 239 -11.53 18.34 24.16
C LYS B 239 -12.80 19.07 23.70
N SER B 240 -13.56 19.60 24.66
CA SER B 240 -14.66 20.50 24.34
C SER B 240 -14.18 21.94 24.54
N GLY B 241 -15.09 22.90 24.51
CA GLY B 241 -14.75 24.27 24.83
C GLY B 241 -15.41 25.40 24.03
N THR B 242 -14.65 26.47 23.83
CA THR B 242 -15.02 27.57 22.96
C THR B 242 -13.80 28.31 22.47
N ILE B 243 -13.77 28.61 21.18
CA ILE B 243 -12.70 29.43 20.60
C ILE B 243 -13.31 30.66 19.90
N ASN B 244 -12.49 31.66 19.63
CA ASN B 244 -13.00 32.83 18.94
C ASN B 244 -12.11 33.32 17.81
N VAL B 245 -12.57 33.06 16.58
CA VAL B 245 -11.95 33.54 15.34
C VAL B 245 -12.30 35.02 15.10
N ARG B 246 -11.32 35.80 14.65
CA ARG B 246 -11.56 37.19 14.33
C ARG B 246 -10.95 37.56 12.97
N VAL B 247 -11.80 37.93 12.02
CA VAL B 247 -11.34 38.30 10.69
C VAL B 247 -11.32 39.82 10.54
N ILE B 248 -10.14 40.43 10.71
CA ILE B 248 -10.06 41.89 10.64
C ILE B 248 -9.48 42.38 9.32
N ASN B 249 -9.64 43.68 9.06
CA ASN B 249 -9.09 44.32 7.86
C ASN B 249 -7.86 45.17 8.17
N GLN C 6 11.55 -1.81 9.47
CA GLN C 6 11.23 -0.42 9.17
C GLN C 6 11.95 0.07 7.91
N GLY C 7 11.17 0.41 6.88
CA GLY C 7 11.74 0.84 5.61
C GLY C 7 11.29 2.19 5.08
N TYR C 8 12.26 3.00 4.69
CA TYR C 8 12.02 4.26 3.99
C TYR C 8 12.79 4.22 2.68
N THR C 9 12.25 4.86 1.66
CA THR C 9 12.93 4.95 0.37
C THR C 9 12.58 6.29 -0.27
N VAL C 10 13.60 7.11 -0.53
CA VAL C 10 13.35 8.43 -1.13
C VAL C 10 14.12 8.66 -2.43
N VAL C 11 13.61 9.57 -3.25
CA VAL C 11 14.12 9.82 -4.59
C VAL C 11 15.42 10.64 -4.60
N LYS C 12 16.21 10.45 -5.65
CA LYS C 12 17.47 11.18 -5.80
C LYS C 12 17.24 12.69 -5.62
N ASN C 13 16.23 13.23 -6.32
CA ASN C 13 15.97 14.66 -6.31
C ASN C 13 15.58 15.21 -4.92
N ASP C 14 15.28 14.31 -3.99
CA ASP C 14 14.95 14.71 -2.63
C ASP C 14 15.95 14.29 -1.56
N TRP C 15 17.21 14.09 -1.93
CA TRP C 15 18.23 13.67 -0.96
C TRP C 15 18.71 14.79 -0.01
N LYS C 16 18.84 16.02 -0.52
CA LYS C 16 19.32 17.13 0.31
C LYS C 16 18.63 17.22 1.66
N LYS C 17 17.33 16.94 1.67
CA LYS C 17 16.52 17.05 2.88
C LYS C 17 16.62 15.82 3.78
N ALA C 18 16.69 14.64 3.15
CA ALA C 18 16.84 13.38 3.87
C ALA C 18 18.12 13.35 4.73
N VAL C 19 19.26 13.61 4.08
CA VAL C 19 20.53 13.74 4.78
C VAL C 19 20.40 14.82 5.86
N LYS C 20 19.85 15.96 5.49
CA LYS C 20 19.58 17.00 6.47
C LYS C 20 18.95 16.44 7.75
N GLN C 21 17.97 15.57 7.60
CA GLN C 21 17.24 15.13 8.76
C GLN C 21 17.89 13.93 9.42
N LEU C 22 18.76 13.23 8.69
CA LEU C 22 19.62 12.27 9.34
C LEU C 22 20.68 13.07 10.11
N GLN C 23 20.99 14.27 9.63
CA GLN C 23 21.91 15.14 10.32
C GLN C 23 21.38 15.59 11.65
N ASP C 24 20.19 16.20 11.61
CA ASP C 24 19.56 16.68 12.82
C ASP C 24 19.37 15.57 13.84
N GLY C 25 19.02 14.38 13.40
CA GLY C 25 19.02 13.22 14.26
C GLY C 25 20.36 12.93 14.95
N LEU C 26 21.47 13.12 14.25
CA LEU C 26 22.79 13.05 14.89
C LEU C 26 22.99 14.23 15.84
N LYS C 27 22.75 15.45 15.36
CA LYS C 27 22.91 16.67 16.16
C LYS C 27 22.02 16.76 17.41
N ASP C 28 20.84 16.14 17.38
CA ASP C 28 19.98 16.16 18.56
C ASP C 28 20.01 14.84 19.31
N ASN C 29 20.88 13.94 18.87
CA ASN C 29 21.30 12.81 19.67
C ASN C 29 20.32 11.65 19.66
N SER C 30 19.39 11.65 18.72
CA SER C 30 18.51 10.51 18.55
C SER C 30 19.19 9.34 17.82
N ILE C 31 20.18 9.65 16.97
CA ILE C 31 20.83 8.66 16.13
C ILE C 31 22.19 8.33 16.70
N GLY C 32 22.45 7.04 16.90
CA GLY C 32 23.67 6.64 17.54
C GLY C 32 24.69 6.31 16.47
N LYS C 33 24.20 5.76 15.35
CA LYS C 33 25.09 5.33 14.31
C LYS C 33 24.38 5.21 12.97
N ILE C 34 25.09 5.55 11.90
CA ILE C 34 24.58 5.31 10.56
C ILE C 34 25.61 4.51 9.78
N THR C 35 25.26 3.29 9.39
CA THR C 35 26.07 2.56 8.44
C THR C 35 25.58 2.94 7.03
N VAL C 36 26.51 3.29 6.14
CA VAL C 36 26.14 3.70 4.79
C VAL C 36 26.69 2.74 3.74
N SER C 37 25.84 2.41 2.78
CA SER C 37 26.18 1.39 1.80
C SER C 37 25.95 1.88 0.39
N PHE C 38 26.92 1.60 -0.49
CA PHE C 38 26.70 1.82 -1.91
C PHE C 38 26.38 0.51 -2.62
N ASN C 39 25.13 0.34 -3.05
CA ASN C 39 24.74 -0.69 -4.06
C ASN C 39 25.24 -2.14 -4.03
N ASP C 40 25.23 -2.82 -2.88
CA ASP C 40 25.09 -2.20 -1.58
C ASP C 40 26.25 -2.75 -0.74
N GLY C 41 27.45 -2.25 -1.05
CA GLY C 41 28.66 -2.62 -0.34
C GLY C 41 29.05 -1.50 0.60
N VAL C 42 29.10 -1.81 1.89
CA VAL C 42 29.33 -0.81 2.91
C VAL C 42 30.54 0.06 2.60
N VAL C 43 30.34 1.37 2.60
CA VAL C 43 31.43 2.31 2.46
C VAL C 43 31.95 2.73 3.83
N GLY C 44 31.03 2.99 4.78
CA GLY C 44 31.41 3.41 6.12
C GLY C 44 30.31 3.70 7.15
N GLU C 45 30.75 3.94 8.37
CA GLU C 45 29.87 4.17 9.49
C GLU C 45 30.18 5.54 10.08
N VAL C 46 29.13 6.29 10.41
CA VAL C 46 29.25 7.61 11.00
C VAL C 46 28.68 7.59 12.42
N ALA C 47 29.33 8.31 13.33
CA ALA C 47 28.91 8.31 14.70
C ALA C 47 29.75 9.32 15.46
N PRO C 48 29.13 10.02 16.42
CA PRO C 48 29.91 10.91 17.29
C PRO C 48 30.95 10.07 18.02
N LYS C 49 32.18 10.57 18.11
CA LYS C 49 33.21 9.84 18.82
C LYS C 49 32.88 9.75 20.32
N SER C 50 32.27 10.81 20.84
CA SER C 50 31.69 10.78 22.18
C SER C 50 30.33 11.39 21.97
N ALA C 51 29.27 10.71 22.38
CA ALA C 51 27.91 11.18 22.06
C ALA C 51 27.41 12.27 22.99
N ASN C 52 28.13 12.53 24.07
CA ASN C 52 27.69 13.51 25.06
C ASN C 52 28.29 14.88 24.76
N LYS C 53 28.79 15.03 23.53
CA LYS C 53 29.45 16.25 23.10
C LYS C 53 28.84 16.84 21.83
N LYS C 54 28.34 18.08 21.91
CA LYS C 54 27.91 18.81 20.72
C LYS C 54 28.94 18.79 19.56
N ALA C 55 30.21 19.08 19.86
CA ALA C 55 31.20 19.15 18.82
C ALA C 55 31.19 17.88 17.98
N ASP C 56 31.23 16.74 18.68
CA ASP C 56 31.24 15.41 18.07
C ASP C 56 30.00 15.16 17.23
N ARG C 57 28.84 15.50 17.77
CA ARG C 57 27.60 15.33 17.01
C ARG C 57 27.63 16.15 15.74
N ASP C 58 28.06 17.40 15.87
CA ASP C 58 28.20 18.24 14.69
C ASP C 58 29.24 17.69 13.71
N ALA C 59 30.40 17.29 14.23
CA ALA C 59 31.42 16.68 13.36
C ALA C 59 30.85 15.46 12.66
N ALA C 60 30.10 14.62 13.37
CA ALA C 60 29.55 13.42 12.77
C ALA C 60 28.54 13.73 11.68
N ALA C 61 27.74 14.79 11.88
CA ALA C 61 26.78 15.22 10.87
C ALA C 61 27.48 15.66 9.59
N GLU C 62 28.52 16.47 9.76
CA GLU C 62 29.19 17.05 8.64
C GLU C 62 30.02 15.95 7.92
N LYS C 63 30.54 15.04 8.72
CA LYS C 63 31.12 13.81 8.21
C LYS C 63 30.14 13.02 7.30
N LEU C 64 28.87 12.98 7.69
CA LEU C 64 27.85 12.26 6.90
C LEU C 64 27.63 12.95 5.57
N TYR C 65 27.68 14.27 5.58
CA TYR C 65 27.45 15.01 4.36
C TYR C 65 28.51 14.65 3.35
N ASN C 66 29.77 14.90 3.71
CA ASN C 66 30.85 14.72 2.75
C ASN C 66 30.89 13.30 2.21
N LEU C 67 30.57 12.33 3.06
CA LEU C 67 30.63 10.93 2.68
C LEU C 67 29.73 10.56 1.50
N VAL C 68 28.54 11.14 1.48
CA VAL C 68 27.50 10.79 0.51
C VAL C 68 27.15 11.97 -0.42
N ASN C 69 27.53 13.18 -0.01
CA ASN C 69 27.37 14.39 -0.81
C ASN C 69 27.53 14.15 -2.33
N THR C 70 28.72 13.69 -2.72
CA THR C 70 29.10 13.49 -4.13
C THR C 70 28.40 12.30 -4.79
N GLN C 71 28.48 11.15 -4.11
CA GLN C 71 27.92 9.89 -4.62
C GLN C 71 26.44 10.03 -4.97
N LEU C 72 25.69 10.76 -4.14
CA LEU C 72 24.29 11.00 -4.41
C LEU C 72 24.12 12.10 -5.45
N ASP C 73 25.04 13.06 -5.48
CA ASP C 73 24.94 14.22 -6.37
C ASP C 73 24.91 13.83 -7.85
N LYS C 74 25.36 12.61 -8.12
CA LYS C 74 25.34 12.05 -9.48
C LYS C 74 25.09 10.55 -9.39
N LEU C 75 24.18 10.17 -8.50
CA LEU C 75 23.74 8.79 -8.33
C LEU C 75 23.31 8.21 -9.67
N GLY C 76 24.02 7.19 -10.14
CA GLY C 76 23.74 6.59 -11.42
C GLY C 76 22.35 5.98 -11.50
N ASP C 77 21.99 5.53 -12.69
CA ASP C 77 20.70 4.90 -12.94
C ASP C 77 20.63 3.51 -12.29
N GLY C 78 19.57 3.24 -11.54
CA GLY C 78 19.39 1.94 -10.91
C GLY C 78 20.31 1.69 -9.72
N ASP C 79 20.96 2.75 -9.27
CA ASP C 79 21.89 2.68 -8.14
C ASP C 79 21.26 3.25 -6.87
N TYR C 80 21.96 3.06 -5.75
CA TYR C 80 21.45 3.51 -4.45
C TYR C 80 22.51 3.66 -3.36
N VAL C 81 22.13 4.41 -2.33
CA VAL C 81 22.90 4.51 -1.09
C VAL C 81 21.97 4.18 0.07
N ASP C 82 22.37 3.19 0.88
CA ASP C 82 21.59 2.73 2.02
C ASP C 82 22.10 3.36 3.32
N PHE C 83 21.17 3.87 4.13
CA PHE C 83 21.48 4.35 5.48
C PHE C 83 20.86 3.42 6.50
N SER C 84 21.68 2.58 7.13
CA SER C 84 21.24 1.80 8.29
C SER C 84 21.36 2.68 9.53
N VAL C 85 20.22 3.25 9.92
CA VAL C 85 20.16 4.25 10.99
C VAL C 85 19.77 3.61 12.31
N ASP C 86 20.76 3.43 13.19
CA ASP C 86 20.50 3.01 14.57
C ASP C 86 20.08 4.23 15.41
N TYR C 87 18.88 4.22 15.98
CA TYR C 87 18.40 5.37 16.74
C TYR C 87 17.74 4.94 18.04
N ASN C 88 17.52 5.90 18.93
CA ASN C 88 16.79 5.66 20.17
C ASN C 88 16.27 7.00 20.64
N LEU C 89 14.97 7.18 20.48
CA LEU C 89 14.35 8.47 20.75
C LEU C 89 14.44 8.88 22.20
N GLU C 90 14.59 7.90 23.10
CA GLU C 90 14.91 8.20 24.50
C GLU C 90 16.13 9.11 24.71
N ASN C 91 17.09 9.06 23.78
CA ASN C 91 18.29 9.90 23.84
C ASN C 91 18.13 11.28 23.16
N LYS C 92 17.02 11.47 22.46
CA LYS C 92 16.80 12.77 21.80
C LYS C 92 16.78 13.87 22.87
N ILE C 93 17.38 15.01 22.57
CA ILE C 93 17.47 16.05 23.57
C ILE C 93 17.04 17.38 22.98
N ILE C 94 16.80 18.33 23.87
CA ILE C 94 16.54 19.70 23.51
C ILE C 94 17.89 20.37 23.50
N THR C 95 18.27 20.89 22.35
CA THR C 95 19.66 21.31 22.17
C THR C 95 19.92 22.77 22.50
N ASN C 96 18.95 23.65 22.25
CA ASN C 96 19.17 25.07 22.55
C ASN C 96 18.34 25.55 23.70
N GLN C 97 18.97 26.29 24.61
CA GLN C 97 18.27 26.84 25.74
C GLN C 97 17.00 27.59 25.37
N ALA C 98 17.10 28.46 24.38
CA ALA C 98 15.95 29.24 23.92
C ALA C 98 14.70 28.37 23.78
N ASP C 99 14.84 27.26 23.07
CA ASP C 99 13.70 26.37 22.83
C ASP C 99 13.14 25.88 24.16
N ALA C 100 14.01 25.68 25.15
CA ALA C 100 13.57 25.24 26.48
C ALA C 100 12.85 26.37 27.19
N GLU C 101 13.48 27.54 27.26
CA GLU C 101 12.86 28.72 27.84
C GLU C 101 11.46 28.98 27.29
N ALA C 102 11.27 28.81 25.98
CA ALA C 102 9.94 29.01 25.40
C ALA C 102 8.91 28.07 26.05
N ILE C 103 9.30 26.81 26.26
CA ILE C 103 8.42 25.88 26.98
C ILE C 103 8.12 26.38 28.40
N VAL C 104 9.12 26.91 29.10
CA VAL C 104 8.89 27.40 30.43
C VAL C 104 7.87 28.53 30.39
N THR C 105 8.01 29.41 29.40
CA THR C 105 7.17 30.57 29.33
C THR C 105 5.75 30.17 28.99
N LYS C 106 5.58 29.24 28.05
CA LYS C 106 4.26 28.68 27.82
C LYS C 106 3.66 28.11 29.10
N LEU C 107 4.48 27.51 29.97
CA LEU C 107 3.95 26.95 31.21
C LEU C 107 3.55 28.08 32.14
N ASN C 108 4.41 29.07 32.26
CA ASN C 108 4.11 30.23 33.09
C ASN C 108 2.86 30.97 32.59
N SER C 109 2.52 30.80 31.32
CA SER C 109 1.34 31.46 30.78
C SER C 109 0.08 30.76 31.28
N LEU C 110 0.25 29.72 32.08
CA LEU C 110 -0.89 29.02 32.69
C LEU C 110 -1.06 29.35 34.17
N ASN C 111 -0.15 30.14 34.71
CA ASN C 111 -0.07 30.35 36.14
C ASN C 111 -1.38 30.85 36.78
N GLU C 112 -2.10 31.73 36.10
CA GLU C 112 -3.30 32.32 36.68
C GLU C 112 -4.51 31.47 36.39
N LYS C 113 -4.31 30.33 35.77
CA LYS C 113 -5.45 29.51 35.46
C LYS C 113 -6.00 28.76 36.70
N THR C 114 -7.30 28.85 36.89
CA THR C 114 -7.96 28.20 38.02
C THR C 114 -8.16 26.70 37.83
N LEU C 115 -7.73 25.92 38.81
CA LEU C 115 -7.92 24.50 38.78
C LEU C 115 -9.15 24.07 39.59
N ILE C 116 -9.29 24.61 40.79
CA ILE C 116 -10.43 24.29 41.62
C ILE C 116 -10.92 25.57 42.27
N ASP C 117 -12.21 25.82 42.14
CA ASP C 117 -12.85 27.02 42.73
C ASP C 117 -12.84 26.99 44.24
N ILE C 118 -12.93 28.18 44.83
CA ILE C 118 -13.27 28.31 46.25
C ILE C 118 -14.54 27.49 46.51
N ALA C 119 -14.54 26.71 47.59
CA ALA C 119 -15.73 25.94 47.94
C ALA C 119 -16.96 26.83 48.35
N THR C 120 -18.18 26.30 48.17
CA THR C 120 -19.38 26.88 48.79
C THR C 120 -19.94 25.81 49.70
N LYS C 121 -21.16 26.02 50.17
CA LYS C 121 -21.77 25.03 51.07
C LYS C 121 -22.48 23.94 50.26
N ASP C 122 -22.68 24.21 48.98
CA ASP C 122 -23.37 23.29 48.07
C ASP C 122 -22.42 22.58 47.11
N THR C 123 -21.21 23.10 47.00
CA THR C 123 -20.31 22.72 45.93
C THR C 123 -18.90 22.61 46.48
N PHE C 124 -18.26 21.48 46.19
CA PHE C 124 -16.89 21.19 46.62
C PHE C 124 -15.89 22.16 46.04
N GLY C 125 -14.86 22.48 46.79
CA GLY C 125 -13.93 23.43 46.30
C GLY C 125 -12.85 23.48 47.32
N MET C 126 -12.07 24.56 47.27
CA MET C 126 -11.05 24.79 48.26
C MET C 126 -11.69 25.37 49.53
N VAL C 127 -11.47 24.66 50.63
CA VAL C 127 -11.77 25.13 51.95
C VAL C 127 -10.45 25.35 52.69
N SER C 128 -10.46 26.22 53.70
CA SER C 128 -9.27 26.36 54.54
C SER C 128 -9.00 25.10 55.31
N LYS C 129 -7.77 24.92 55.76
CA LYS C 129 -7.45 23.74 56.53
C LYS C 129 -7.86 23.87 58.00
N THR C 130 -8.07 25.10 58.46
CA THR C 130 -8.51 25.24 59.85
C THR C 130 -10.03 25.50 59.93
N GLN C 131 -10.76 24.55 60.52
CA GLN C 131 -12.21 24.68 60.68
C GLN C 131 -12.59 25.83 61.63
N ASP C 132 -13.80 26.33 61.50
CA ASP C 132 -14.24 27.42 62.36
C ASP C 132 -14.45 26.93 63.79
N SER C 133 -14.94 27.83 64.64
CA SER C 133 -15.18 27.54 66.06
C SER C 133 -16.15 26.39 66.26
N GLU C 134 -17.14 26.30 65.40
CA GLU C 134 -18.12 25.21 65.42
C GLU C 134 -17.59 23.90 64.85
N GLY C 135 -16.33 23.89 64.43
CA GLY C 135 -15.75 22.69 63.85
C GLY C 135 -16.23 22.42 62.43
N LYS C 136 -16.61 23.48 61.71
CA LYS C 136 -17.07 23.38 60.32
C LYS C 136 -16.04 23.99 59.39
N ASN C 137 -15.89 23.43 58.18
CA ASN C 137 -14.99 24.04 57.20
C ASN C 137 -15.39 25.46 56.86
N VAL C 138 -14.39 26.28 56.59
CA VAL C 138 -14.55 27.64 56.10
C VAL C 138 -14.05 27.71 54.66
N ALA C 139 -14.67 28.55 53.85
CA ALA C 139 -14.18 28.80 52.50
C ALA C 139 -12.70 29.20 52.50
N ALA C 140 -11.99 28.97 51.40
CA ALA C 140 -10.59 29.34 51.35
C ALA C 140 -10.41 30.78 50.86
N THR C 141 -9.25 31.37 51.14
CA THR C 141 -8.99 32.72 50.65
C THR C 141 -8.84 32.81 49.13
N LYS C 142 -8.26 31.79 48.53
CA LYS C 142 -8.09 31.80 47.08
C LYS C 142 -8.47 30.48 46.44
N ALA C 143 -8.77 30.55 45.16
CA ALA C 143 -8.97 29.36 44.37
C ALA C 143 -7.61 28.69 44.18
N LEU C 144 -7.63 27.38 43.94
CA LEU C 144 -6.41 26.66 43.56
C LEU C 144 -6.07 26.97 42.12
N LYS C 145 -4.98 27.69 41.91
CA LYS C 145 -4.53 28.03 40.56
C LYS C 145 -3.27 27.27 40.16
N VAL C 146 -2.98 27.23 38.87
CA VAL C 146 -1.83 26.48 38.41
C VAL C 146 -0.59 26.88 39.23
N LYS C 147 -0.38 28.18 39.39
CA LYS C 147 0.83 28.66 40.07
C LYS C 147 0.94 28.23 41.52
N ASP C 148 -0.14 27.73 42.11
CA ASP C 148 -0.13 27.29 43.50
C ASP C 148 0.33 25.84 43.58
N VAL C 149 0.18 25.16 42.45
CA VAL C 149 0.42 23.73 42.35
C VAL C 149 1.85 23.40 41.92
N ALA C 150 2.48 24.29 41.14
CA ALA C 150 3.81 24.00 40.62
C ALA C 150 4.54 25.24 40.16
N THR C 151 5.87 25.21 40.21
CA THR C 151 6.70 26.24 39.58
C THR C 151 7.54 25.65 38.45
N PHE C 152 7.86 26.47 37.48
CA PHE C 152 8.47 26.01 36.27
C PHE C 152 9.85 26.63 36.03
N GLY C 153 10.76 25.86 35.45
CA GLY C 153 12.04 26.38 35.00
C GLY C 153 12.93 25.31 34.40
N LEU C 154 14.17 25.67 34.10
CA LEU C 154 15.12 24.69 33.59
C LEU C 154 15.80 23.97 34.73
N LYS C 155 15.85 22.65 34.67
CA LYS C 155 16.71 21.90 35.58
C LYS C 155 18.10 22.51 35.50
N SER C 156 18.77 22.66 36.64
CA SER C 156 20.11 23.23 36.64
C SER C 156 21.11 22.31 35.95
N GLY C 157 22.13 22.93 35.35
CA GLY C 157 23.24 22.17 34.78
C GLY C 157 22.91 21.60 33.42
N GLY C 158 22.09 22.30 32.65
CA GLY C 158 21.83 21.92 31.29
C GLY C 158 22.89 22.55 30.41
N SER C 159 23.13 21.95 29.26
CA SER C 159 24.14 22.45 28.35
C SER C 159 23.79 22.07 26.94
N GLU C 160 24.43 22.74 25.99
CA GLU C 160 24.31 22.30 24.61
C GLU C 160 24.83 20.87 24.47
N ASP C 161 25.85 20.52 25.25
CA ASP C 161 26.42 19.19 25.19
C ASP C 161 25.41 18.13 25.61
N THR C 162 24.79 18.42 26.73
CA THR C 162 24.05 17.42 27.49
C THR C 162 22.53 17.57 27.28
N GLY C 163 22.10 18.77 26.91
CA GLY C 163 20.69 19.03 26.67
C GLY C 163 20.06 19.82 27.81
N TYR C 164 19.04 20.59 27.49
CA TYR C 164 18.29 21.33 28.53
C TYR C 164 17.04 20.58 28.96
N VAL C 165 16.80 20.55 30.27
CA VAL C 165 15.60 19.91 30.79
C VAL C 165 14.62 20.93 31.39
N VAL C 166 13.35 20.83 31.01
CA VAL C 166 12.29 21.64 31.64
C VAL C 166 11.82 20.91 32.89
N GLU C 167 11.78 21.63 34.01
CA GLU C 167 11.42 21.06 35.30
C GLU C 167 10.23 21.77 35.96
N MET C 168 9.32 21.02 36.59
CA MET C 168 8.33 21.64 37.47
C MET C 168 8.58 21.18 38.90
N LYS C 169 8.46 22.09 39.86
CA LYS C 169 8.57 21.72 41.25
C LYS C 169 7.22 21.88 41.93
N ALA C 170 6.77 20.82 42.59
CA ALA C 170 5.48 20.87 43.27
C ALA C 170 5.51 22.06 44.22
N GLY C 171 4.37 22.73 44.36
CA GLY C 171 4.23 23.80 45.33
C GLY C 171 3.79 23.21 46.65
N ALA C 172 3.48 24.06 47.61
CA ALA C 172 2.92 23.57 48.87
C ALA C 172 1.53 24.18 49.06
N VAL C 173 0.52 23.33 49.23
CA VAL C 173 -0.84 23.80 49.45
C VAL C 173 -1.38 23.34 50.81
N GLU C 174 -1.73 24.31 51.65
CA GLU C 174 -2.32 24.01 52.96
C GLU C 174 -3.83 23.78 52.82
N ASP C 175 -4.45 24.61 51.98
CA ASP C 175 -5.88 24.50 51.69
C ASP C 175 -6.31 23.10 51.26
N LYS C 176 -7.56 22.78 51.55
CA LYS C 176 -8.07 21.44 51.31
C LYS C 176 -9.30 21.47 50.44
N TYR C 177 -9.81 20.30 50.13
CA TYR C 177 -10.88 20.16 49.17
C TYR C 177 -12.10 19.69 49.93
N GLY C 178 -13.15 20.50 49.95
CA GLY C 178 -14.36 20.12 50.66
C GLY C 178 -15.50 21.10 50.41
N LYS C 179 -16.56 20.94 51.20
CA LYS C 179 -17.73 21.85 51.20
C LYS C 179 -17.68 22.81 52.40
N VAL C 180 -17.95 24.08 52.17
CA VAL C 180 -18.06 25.03 53.28
C VAL C 180 -19.14 24.58 54.28
N GLY C 181 -18.88 24.75 55.57
CA GLY C 181 -19.87 24.44 56.59
C GLY C 181 -19.99 22.98 56.93
N ASP C 182 -19.15 22.16 56.30
CA ASP C 182 -19.10 20.74 56.59
C ASP C 182 -18.24 20.43 57.82
N SER C 183 -18.72 19.49 58.63
CA SER C 183 -17.98 19.06 59.80
C SER C 183 -16.69 18.34 59.46
N THR C 184 -16.74 17.50 58.45
CA THR C 184 -15.57 16.70 58.07
C THR C 184 -14.49 17.55 57.38
N ALA C 185 -13.25 17.42 57.83
CA ALA C 185 -12.15 18.15 57.21
C ALA C 185 -12.07 17.87 55.71
N GLY C 186 -11.63 18.87 54.95
CA GLY C 186 -11.41 18.67 53.53
C GLY C 186 -10.26 17.69 53.33
N ILE C 187 -10.16 17.14 52.13
CA ILE C 187 -9.07 16.22 51.84
C ILE C 187 -7.95 16.96 51.11
N ALA C 188 -6.74 16.43 51.23
CA ALA C 188 -5.60 17.15 50.70
C ALA C 188 -5.50 16.91 49.22
N ILE C 189 -5.08 17.94 48.50
CA ILE C 189 -4.76 17.81 47.08
C ILE C 189 -3.44 17.08 46.83
N ASN C 190 -3.45 15.96 46.13
CA ASN C 190 -2.18 15.31 45.77
C ASN C 190 -1.50 16.02 44.63
N LEU C 191 -0.37 16.66 44.91
CA LEU C 191 0.30 17.45 43.89
C LEU C 191 1.16 16.56 42.99
N PRO C 192 1.61 17.09 41.86
CA PRO C 192 2.44 16.30 40.94
C PRO C 192 3.68 15.75 41.68
N SER C 193 3.88 14.44 41.63
CA SER C 193 5.08 13.84 42.18
C SER C 193 5.80 12.98 41.13
N THR C 194 5.22 12.89 39.94
CA THR C 194 5.89 12.27 38.81
C THR C 194 5.58 13.09 37.59
N GLY C 195 6.32 12.88 36.51
CA GLY C 195 6.21 13.73 35.34
C GLY C 195 6.73 15.13 35.67
N LEU C 196 7.75 15.19 36.53
CA LEU C 196 8.32 16.47 36.93
C LEU C 196 9.32 17.06 35.93
N GLU C 197 9.70 16.29 34.91
CA GLU C 197 10.68 16.82 33.96
C GLU C 197 10.39 16.49 32.53
N TYR C 198 10.75 17.41 31.67
CA TYR C 198 10.56 17.18 30.25
C TYR C 198 11.90 17.45 29.54
N ALA C 199 12.41 16.45 28.82
CA ALA C 199 13.72 16.56 28.17
C ALA C 199 13.70 16.34 26.66
N GLY C 200 12.50 16.33 26.08
CA GLY C 200 12.34 15.99 24.67
C GLY C 200 12.04 14.50 24.54
N LYS C 201 13.06 13.73 24.17
CA LYS C 201 12.94 12.29 24.03
C LYS C 201 11.92 11.85 23.02
N GLY C 202 11.75 12.67 21.99
CA GLY C 202 10.84 12.32 20.92
C GLY C 202 9.39 12.40 21.36
N THR C 203 9.16 13.09 22.46
CA THR C 203 7.79 13.39 22.90
C THR C 203 7.59 14.90 22.94
N THR C 204 6.34 15.31 23.12
CA THR C 204 6.06 16.70 23.45
C THR C 204 4.96 16.78 24.50
N ILE C 205 5.01 17.83 25.30
CA ILE C 205 4.05 18.05 26.36
C ILE C 205 2.61 18.14 25.81
N ASP C 206 1.72 17.30 26.34
CA ASP C 206 0.30 17.35 25.98
C ASP C 206 -0.35 18.25 27.02
N PHE C 207 -0.59 19.49 26.63
CA PHE C 207 -1.10 20.49 27.56
C PHE C 207 -2.57 20.29 27.94
N ASN C 208 -3.22 19.30 27.34
CA ASN C 208 -4.58 18.95 27.73
C ASN C 208 -4.55 18.03 28.90
N LYS C 209 -3.43 17.34 29.10
CA LYS C 209 -3.38 16.33 30.15
C LYS C 209 -2.41 16.74 31.24
N THR C 210 -1.65 17.77 30.95
CA THR C 210 -0.64 18.26 31.87
C THR C 210 -1.26 19.24 32.89
N LEU C 211 -0.90 19.07 34.16
CA LEU C 211 -1.39 19.97 35.23
C LEU C 211 -2.91 19.91 35.28
N LYS C 212 -3.41 18.70 35.08
CA LYS C 212 -4.83 18.47 35.08
C LYS C 212 -5.29 17.86 36.40
N VAL C 213 -6.41 18.39 36.89
CA VAL C 213 -7.02 17.93 38.10
C VAL C 213 -7.83 16.69 37.85
N ASP C 214 -7.74 15.78 38.78
CA ASP C 214 -8.55 14.63 38.71
C ASP C 214 -9.20 14.41 40.06
N VAL C 215 -10.55 14.47 40.13
CA VAL C 215 -11.28 14.15 41.36
C VAL C 215 -11.93 12.78 41.24
N THR C 216 -11.74 11.92 42.22
CA THR C 216 -12.34 10.60 42.16
C THR C 216 -13.33 10.35 43.32
N GLY C 217 -14.43 9.65 43.05
CA GLY C 217 -15.46 9.48 44.05
C GLY C 217 -16.80 10.11 43.67
N GLY C 218 -16.79 10.94 42.63
CA GLY C 218 -18.00 11.57 42.14
C GLY C 218 -18.75 12.24 43.25
N SER C 219 -19.95 11.74 43.55
CA SER C 219 -20.85 12.38 44.52
C SER C 219 -20.18 12.47 45.87
N THR C 220 -19.41 11.45 46.22
CA THR C 220 -18.67 11.42 47.48
C THR C 220 -17.15 11.40 47.22
N PRO C 221 -16.54 12.57 47.04
CA PRO C 221 -15.13 12.66 46.68
C PRO C 221 -14.23 11.95 47.68
N SER C 222 -13.30 11.17 47.17
CA SER C 222 -12.32 10.51 48.03
C SER C 222 -10.88 10.98 47.78
N ALA C 223 -10.59 11.51 46.59
CA ALA C 223 -9.22 11.91 46.21
C ALA C 223 -9.18 13.03 45.19
N VAL C 224 -8.21 13.91 45.33
CA VAL C 224 -8.00 14.96 44.34
C VAL C 224 -6.51 14.98 43.97
N ALA C 225 -6.21 14.91 42.68
CA ALA C 225 -4.82 14.95 42.23
C ALA C 225 -4.64 15.86 41.04
N VAL C 226 -3.44 16.42 40.91
CA VAL C 226 -3.10 17.24 39.78
C VAL C 226 -1.92 16.53 39.15
N SER C 227 -1.96 16.40 37.85
CA SER C 227 -0.96 15.65 37.13
C SER C 227 0.22 16.56 36.88
N GLY C 228 1.37 15.98 36.56
CA GLY C 228 2.51 16.77 36.13
C GLY C 228 2.56 16.77 34.61
N PHE C 229 3.75 16.79 34.03
CA PHE C 229 3.87 16.60 32.58
C PHE C 229 3.27 15.28 32.12
N VAL C 230 2.40 15.37 31.12
CA VAL C 230 1.96 14.22 30.40
C VAL C 230 2.26 14.55 28.95
N THR C 231 2.86 13.60 28.25
CA THR C 231 3.36 13.87 26.93
C THR C 231 2.71 12.92 25.94
N LYS C 232 2.85 13.25 24.66
CA LYS C 232 2.54 12.35 23.56
C LYS C 232 3.75 12.16 22.62
N ASP C 233 3.85 10.97 22.01
CA ASP C 233 4.90 10.66 21.05
C ASP C 233 4.82 11.57 19.82
N ASP C 234 5.98 11.90 19.25
CA ASP C 234 6.08 12.72 18.03
C ASP C 234 5.60 11.99 16.78
N THR C 235 6.16 10.80 16.54
CA THR C 235 5.84 10.07 15.33
C THR C 235 5.36 8.66 15.61
N ASP C 236 5.18 7.91 14.52
CA ASP C 236 4.70 6.54 14.60
C ASP C 236 5.89 5.61 14.67
N LEU C 237 7.07 6.21 14.64
CA LEU C 237 8.32 5.48 14.78
C LEU C 237 8.37 4.72 16.10
N ALA C 238 8.88 3.50 16.08
CA ALA C 238 9.15 2.81 17.33
C ALA C 238 10.16 3.66 18.08
N LYS C 239 10.28 3.44 19.38
CA LYS C 239 11.07 4.35 20.21
C LYS C 239 12.57 4.19 19.91
N SER C 240 12.99 2.95 19.66
CA SER C 240 14.38 2.68 19.37
C SER C 240 14.42 1.58 18.37
N GLY C 241 15.57 1.40 17.73
CA GLY C 241 15.73 0.33 16.76
C GLY C 241 16.60 0.77 15.60
N THR C 242 16.25 0.29 14.41
CA THR C 242 17.02 0.54 13.20
C THR C 242 16.08 0.72 12.00
N ILE C 243 16.16 1.87 11.33
CA ILE C 243 15.46 2.00 10.06
C ILE C 243 16.46 1.99 8.92
N ASN C 244 16.11 1.30 7.83
CA ASN C 244 16.87 1.43 6.60
C ASN C 244 16.23 2.57 5.83
N VAL C 245 17.05 3.51 5.36
CA VAL C 245 16.57 4.52 4.42
C VAL C 245 17.39 4.38 3.15
N ARG C 246 16.76 3.87 2.10
CA ARG C 246 17.43 3.65 0.81
C ARG C 246 17.22 4.90 -0.07
N VAL C 247 18.23 5.29 -0.84
CA VAL C 247 18.07 6.42 -1.75
C VAL C 247 18.38 6.01 -3.19
N ILE C 248 17.34 5.99 -4.02
CA ILE C 248 17.49 5.56 -5.42
C ILE C 248 16.98 6.63 -6.41
N ASN C 249 17.15 6.40 -7.72
CA ASN C 249 16.67 7.35 -8.72
C ASN C 249 15.74 6.76 -9.79
N TYR D 8 -2.14 8.64 -10.28
CA TYR D 8 -0.98 9.07 -11.07
C TYR D 8 -0.66 10.55 -10.83
N THR D 9 0.59 10.93 -11.10
CA THR D 9 1.10 12.29 -10.88
C THR D 9 2.26 12.66 -11.81
N VAL D 10 2.43 13.94 -12.11
CA VAL D 10 3.55 14.40 -12.93
C VAL D 10 4.01 15.81 -12.56
N VAL D 11 5.31 16.06 -12.65
CA VAL D 11 5.89 17.37 -12.32
C VAL D 11 5.31 18.42 -13.25
N LYS D 12 5.60 19.68 -12.98
CA LYS D 12 5.24 20.76 -13.90
C LYS D 12 5.99 20.60 -15.23
N ASN D 13 7.25 20.18 -15.14
CA ASN D 13 8.08 20.04 -16.34
C ASN D 13 7.55 19.02 -17.34
N ASP D 14 7.01 17.92 -16.82
CA ASP D 14 6.53 16.84 -17.68
C ASP D 14 5.03 16.95 -17.98
N TRP D 15 4.49 18.17 -18.02
CA TRP D 15 3.09 18.35 -18.38
C TRP D 15 2.89 18.12 -19.88
N LYS D 16 3.81 18.64 -20.70
CA LYS D 16 3.72 18.49 -22.14
C LYS D 16 3.75 17.02 -22.53
N LYS D 17 4.46 16.24 -21.74
CA LYS D 17 4.54 14.80 -21.94
C LYS D 17 3.22 14.14 -21.55
N ALA D 18 2.74 14.43 -20.35
CA ALA D 18 1.53 13.80 -19.83
C ALA D 18 0.33 14.18 -20.69
N VAL D 19 0.35 15.39 -21.24
CA VAL D 19 -0.74 15.91 -22.08
C VAL D 19 -0.81 15.17 -23.41
N LYS D 20 0.34 14.88 -23.99
CA LYS D 20 0.36 14.14 -25.25
C LYS D 20 -0.15 12.72 -25.05
N GLN D 21 0.02 12.21 -23.83
CA GLN D 21 -0.50 10.90 -23.46
C GLN D 21 -2.01 10.87 -23.68
N LEU D 22 -2.70 11.68 -22.88
CA LEU D 22 -4.14 11.85 -22.96
C LEU D 22 -4.62 12.09 -24.39
N GLN D 23 -3.94 12.99 -25.09
CA GLN D 23 -4.23 13.22 -26.50
C GLN D 23 -4.23 11.92 -27.29
N ASP D 24 -3.12 11.20 -27.20
CA ASP D 24 -2.96 9.92 -27.89
C ASP D 24 -4.08 8.91 -27.58
N GLY D 25 -4.51 8.84 -26.33
CA GLY D 25 -5.63 7.96 -25.99
C GLY D 25 -7.01 8.40 -26.47
N LEU D 26 -7.20 9.70 -26.70
CA LEU D 26 -8.45 10.15 -27.33
C LEU D 26 -8.37 9.75 -28.79
N LYS D 27 -7.17 9.89 -29.36
CA LYS D 27 -6.95 9.68 -30.78
C LYS D 27 -7.09 8.23 -31.24
N ASP D 28 -6.91 7.29 -30.33
CA ASP D 28 -6.96 5.88 -30.70
C ASP D 28 -8.21 5.22 -30.13
N ASN D 29 -9.05 6.02 -29.48
CA ASN D 29 -10.41 5.61 -29.19
C ASN D 29 -10.52 4.76 -27.95
N SER D 30 -9.45 4.76 -27.16
CA SER D 30 -9.58 4.24 -25.80
C SER D 30 -10.34 5.24 -24.94
N ILE D 31 -9.73 6.39 -24.65
CA ILE D 31 -10.37 7.43 -23.84
C ILE D 31 -11.69 7.93 -24.46
N GLY D 32 -12.81 7.60 -23.83
CA GLY D 32 -14.10 8.05 -24.31
C GLY D 32 -14.49 9.44 -23.81
N LYS D 33 -13.76 9.94 -22.81
CA LYS D 33 -14.04 11.25 -22.20
C LYS D 33 -13.06 11.66 -21.11
N ILE D 34 -12.64 12.92 -21.11
CA ILE D 34 -11.88 13.48 -19.98
C ILE D 34 -12.69 14.57 -19.24
N THR D 35 -12.16 15.02 -18.10
CA THR D 35 -12.70 16.15 -17.33
C THR D 35 -11.55 16.88 -16.60
N VAL D 36 -11.38 18.17 -16.84
CA VAL D 36 -10.25 18.93 -16.27
C VAL D 36 -10.63 19.65 -14.98
N SER D 37 -9.69 19.67 -14.02
CA SER D 37 -9.86 20.43 -12.77
C SER D 37 -8.62 21.27 -12.45
N PHE D 38 -8.82 22.57 -12.22
CA PHE D 38 -7.74 23.44 -11.72
C PHE D 38 -7.91 23.59 -10.21
N ASN D 39 -7.02 22.95 -9.44
CA ASN D 39 -7.12 22.96 -7.98
C ASN D 39 -8.51 22.53 -7.50
N ASP D 40 -8.99 21.42 -8.05
CA ASP D 40 -10.30 20.83 -7.68
C ASP D 40 -11.52 21.69 -8.06
N GLY D 41 -11.29 22.71 -8.87
CA GLY D 41 -12.37 23.46 -9.47
C GLY D 41 -12.63 22.89 -10.86
N VAL D 42 -13.63 22.03 -10.98
CA VAL D 42 -13.98 21.46 -12.28
C VAL D 42 -14.03 22.57 -13.34
N VAL D 43 -13.32 22.34 -14.44
CA VAL D 43 -13.12 23.34 -15.47
C VAL D 43 -13.93 22.99 -16.74
N GLY D 44 -14.13 21.69 -16.97
CA GLY D 44 -14.81 21.19 -18.16
C GLY D 44 -14.50 19.76 -18.60
N GLU D 45 -15.08 19.36 -19.74
CA GLU D 45 -15.07 17.97 -20.21
C GLU D 45 -14.90 17.82 -21.74
N VAL D 46 -13.79 17.19 -22.13
CA VAL D 46 -13.47 16.96 -23.55
C VAL D 46 -13.86 15.56 -24.02
N ALA D 47 -14.50 15.47 -25.18
CA ALA D 47 -14.91 14.18 -25.72
C ALA D 47 -15.20 14.30 -27.21
N PRO D 48 -14.89 13.26 -27.99
CA PRO D 48 -15.20 13.39 -29.42
C PRO D 48 -16.69 13.47 -29.57
N LYS D 49 -17.19 14.27 -30.52
CA LYS D 49 -18.62 14.33 -30.80
C LYS D 49 -19.08 12.96 -31.25
N SER D 50 -18.37 12.40 -32.21
CA SER D 50 -18.66 11.07 -32.72
C SER D 50 -17.34 10.30 -32.68
N ALA D 51 -17.33 9.18 -31.96
CA ALA D 51 -16.09 8.48 -31.66
C ALA D 51 -15.44 7.75 -32.84
N ASN D 52 -16.25 7.41 -33.83
CA ASN D 52 -15.81 6.62 -34.98
C ASN D 52 -15.26 7.48 -36.11
N LYS D 53 -15.02 8.76 -35.81
CA LYS D 53 -14.44 9.70 -36.76
C LYS D 53 -13.08 10.14 -36.26
N LYS D 54 -12.08 10.00 -37.10
CA LYS D 54 -10.76 10.46 -36.76
C LYS D 54 -10.78 11.96 -36.48
N ALA D 55 -11.43 12.71 -37.38
CA ALA D 55 -11.46 14.17 -37.26
C ALA D 55 -12.00 14.53 -35.90
N ASP D 56 -13.00 13.78 -35.46
CA ASP D 56 -13.65 14.10 -34.20
C ASP D 56 -12.75 13.86 -33.01
N ARG D 57 -12.02 12.75 -33.05
CA ARG D 57 -11.15 12.38 -31.93
C ARG D 57 -9.99 13.35 -31.88
N ASP D 58 -9.48 13.70 -33.05
CA ASP D 58 -8.48 14.74 -33.16
C ASP D 58 -8.94 16.10 -32.58
N ALA D 59 -10.16 16.52 -32.91
CA ALA D 59 -10.68 17.78 -32.40
C ALA D 59 -10.77 17.77 -30.87
N ALA D 60 -11.31 16.69 -30.32
CA ALA D 60 -11.33 16.51 -28.87
C ALA D 60 -9.91 16.71 -28.28
N ALA D 61 -8.92 16.13 -28.93
CA ALA D 61 -7.55 16.24 -28.47
C ALA D 61 -6.99 17.66 -28.57
N GLU D 62 -7.18 18.31 -29.72
CA GLU D 62 -6.74 19.69 -29.86
C GLU D 62 -7.37 20.58 -28.81
N LYS D 63 -8.64 20.32 -28.48
CA LYS D 63 -9.32 21.12 -27.47
C LYS D 63 -8.66 20.99 -26.11
N LEU D 64 -8.24 19.79 -25.78
CA LEU D 64 -7.63 19.52 -24.49
C LEU D 64 -6.41 20.41 -24.32
N TYR D 65 -5.53 20.38 -25.33
CA TYR D 65 -4.33 21.21 -25.33
C TYR D 65 -4.67 22.69 -25.21
N ASN D 66 -5.58 23.17 -26.07
CA ASN D 66 -6.00 24.56 -26.05
C ASN D 66 -6.41 25.00 -24.65
N LEU D 67 -7.12 24.12 -23.96
CA LEU D 67 -7.79 24.43 -22.70
C LEU D 67 -6.85 24.67 -21.52
N VAL D 68 -5.96 23.72 -21.28
CA VAL D 68 -5.12 23.76 -20.08
C VAL D 68 -3.69 24.18 -20.41
N ASN D 69 -3.41 24.30 -21.69
CA ASN D 69 -2.17 24.90 -22.21
C ASN D 69 -1.60 26.01 -21.32
N THR D 70 -2.47 26.91 -20.88
CA THR D 70 -2.09 28.11 -20.12
C THR D 70 -1.87 27.91 -18.63
N GLN D 71 -2.79 27.21 -17.95
CA GLN D 71 -2.61 26.95 -16.53
C GLN D 71 -1.48 25.97 -16.22
N LEU D 72 -1.08 25.17 -17.21
CA LEU D 72 0.02 24.22 -17.01
C LEU D 72 1.38 24.87 -17.22
N ASP D 73 1.46 25.77 -18.18
CA ASP D 73 2.74 26.38 -18.55
C ASP D 73 3.25 27.36 -17.50
N LYS D 74 2.33 27.96 -16.76
CA LYS D 74 2.67 28.88 -15.69
C LYS D 74 2.13 28.38 -14.36
N LEU D 75 2.02 27.06 -14.22
CA LEU D 75 1.40 26.46 -13.06
C LEU D 75 1.87 27.11 -11.76
N GLY D 76 0.96 27.78 -11.07
CA GLY D 76 1.27 28.42 -9.81
C GLY D 76 1.92 27.48 -8.83
N ASP D 77 2.49 28.04 -7.76
CA ASP D 77 3.17 27.24 -6.75
C ASP D 77 2.17 26.55 -5.83
N GLY D 78 2.27 25.23 -5.76
CA GLY D 78 1.33 24.44 -4.99
C GLY D 78 0.15 24.01 -5.82
N ASP D 79 -0.37 24.94 -6.64
CA ASP D 79 -1.48 24.65 -7.55
C ASP D 79 -1.13 23.50 -8.46
N TYR D 80 -2.15 22.93 -9.09
CA TYR D 80 -2.00 21.75 -9.93
C TYR D 80 -3.09 21.74 -10.98
N VAL D 81 -3.03 20.72 -11.83
CA VAL D 81 -4.06 20.47 -12.83
C VAL D 81 -4.48 18.99 -12.75
N ASP D 82 -5.79 18.77 -12.68
CA ASP D 82 -6.36 17.43 -12.50
C ASP D 82 -7.20 16.95 -13.69
N PHE D 83 -6.69 15.95 -14.41
CA PHE D 83 -7.40 15.35 -15.52
C PHE D 83 -8.07 14.05 -15.10
N SER D 84 -9.39 13.95 -15.24
CA SER D 84 -10.10 12.72 -14.95
C SER D 84 -10.43 12.02 -16.25
N VAL D 85 -9.81 10.86 -16.44
CA VAL D 85 -9.81 10.17 -17.73
C VAL D 85 -10.71 8.92 -17.69
N ASP D 86 -11.83 8.96 -18.40
CA ASP D 86 -12.66 7.78 -18.54
C ASP D 86 -12.22 7.06 -19.82
N TYR D 87 -11.90 5.78 -19.71
CA TYR D 87 -11.33 5.04 -20.84
C TYR D 87 -11.93 3.64 -20.97
N ASN D 88 -11.87 3.09 -22.18
CA ASN D 88 -12.26 1.71 -22.41
C ASN D 88 -11.43 1.06 -23.52
N LEU D 89 -10.64 0.07 -23.13
CA LEU D 89 -9.62 -0.51 -24.01
C LEU D 89 -10.16 -1.43 -25.12
N GLU D 90 -11.29 -2.07 -24.87
CA GLU D 90 -12.05 -2.70 -25.94
C GLU D 90 -12.21 -1.82 -27.19
N ASN D 91 -12.26 -0.50 -27.02
CA ASN D 91 -12.46 0.42 -28.14
C ASN D 91 -11.16 0.87 -28.79
N LYS D 92 -10.03 0.69 -28.10
CA LYS D 92 -8.72 0.99 -28.66
C LYS D 92 -8.57 0.37 -30.06
N ILE D 93 -7.93 1.10 -30.96
CA ILE D 93 -7.74 0.66 -32.34
C ILE D 93 -6.32 0.88 -32.90
N ILE D 94 -6.06 0.30 -34.06
CA ILE D 94 -4.82 0.60 -34.76
C ILE D 94 -5.13 1.72 -35.72
N THR D 95 -4.50 2.87 -35.54
CA THR D 95 -4.98 4.05 -36.23
C THR D 95 -4.27 4.32 -37.54
N ASN D 96 -3.05 3.81 -37.68
CA ASN D 96 -2.30 3.98 -38.92
C ASN D 96 -1.98 2.66 -39.61
N GLN D 97 -2.00 2.68 -40.93
CA GLN D 97 -1.83 1.49 -41.74
C GLN D 97 -0.48 0.83 -41.53
N ALA D 98 0.54 1.66 -41.42
CA ALA D 98 1.91 1.17 -41.23
C ALA D 98 2.10 0.45 -39.91
N ASP D 99 1.41 0.89 -38.86
CA ASP D 99 1.58 0.24 -37.58
C ASP D 99 1.00 -1.17 -37.64
N ALA D 100 0.08 -1.35 -38.58
CA ALA D 100 -0.58 -2.64 -38.78
C ALA D 100 0.32 -3.54 -39.63
N GLU D 101 0.74 -3.03 -40.78
CA GLU D 101 1.77 -3.68 -41.59
C GLU D 101 2.95 -4.19 -40.77
N ALA D 102 3.49 -3.37 -39.88
CA ALA D 102 4.57 -3.82 -39.02
C ALA D 102 4.26 -5.20 -38.44
N ILE D 103 3.00 -5.39 -38.07
CA ILE D 103 2.54 -6.64 -37.49
C ILE D 103 2.47 -7.75 -38.53
N VAL D 104 1.94 -7.43 -39.71
CA VAL D 104 1.94 -8.38 -40.80
C VAL D 104 3.38 -8.79 -41.16
N THR D 105 4.22 -7.83 -41.49
CA THR D 105 5.58 -8.16 -41.88
C THR D 105 6.22 -9.00 -40.78
N LYS D 106 5.95 -8.67 -39.53
CA LYS D 106 6.52 -9.43 -38.42
C LYS D 106 5.96 -10.84 -38.36
N LEU D 107 4.69 -11.00 -38.72
CA LEU D 107 4.09 -12.31 -38.79
C LEU D 107 4.68 -13.10 -39.95
N ASN D 108 4.97 -12.43 -41.06
CA ASN D 108 5.58 -13.09 -42.20
C ASN D 108 7.01 -13.52 -41.85
N SER D 109 7.68 -12.76 -40.99
CA SER D 109 9.03 -13.13 -40.53
C SER D 109 9.06 -14.53 -39.92
N LEU D 110 7.88 -15.07 -39.63
CA LEU D 110 7.78 -16.38 -38.98
C LEU D 110 7.44 -17.50 -39.96
N ASN D 111 7.34 -17.16 -41.23
CA ASN D 111 6.76 -18.06 -42.21
C ASN D 111 7.47 -19.39 -42.35
N GLU D 112 8.79 -19.39 -42.17
CA GLU D 112 9.62 -20.58 -42.36
C GLU D 112 9.80 -21.37 -41.08
N LYS D 113 9.29 -20.83 -39.97
CA LYS D 113 9.42 -21.52 -38.68
C LYS D 113 8.67 -22.85 -38.72
N THR D 114 9.36 -23.91 -38.35
CA THR D 114 8.76 -25.23 -38.33
C THR D 114 7.91 -25.43 -37.08
N LEU D 115 6.69 -25.92 -37.28
CA LEU D 115 5.77 -26.16 -36.17
C LEU D 115 5.74 -27.64 -35.80
N ILE D 116 5.78 -28.50 -36.81
CA ILE D 116 5.77 -29.93 -36.61
C ILE D 116 6.75 -30.58 -37.57
N ASP D 117 7.80 -31.19 -37.03
CA ASP D 117 8.79 -31.91 -37.85
C ASP D 117 8.21 -33.11 -38.60
N ILE D 118 8.86 -33.46 -39.70
CA ILE D 118 8.59 -34.72 -40.38
C ILE D 118 8.65 -35.88 -39.39
N ALA D 119 7.65 -36.76 -39.42
CA ALA D 119 7.63 -37.90 -38.51
C ALA D 119 8.82 -38.90 -38.72
N THR D 120 9.13 -39.70 -37.69
CA THR D 120 9.97 -40.90 -37.85
C THR D 120 9.24 -42.11 -37.27
N LYS D 121 9.94 -43.24 -37.19
CA LYS D 121 9.35 -44.46 -36.62
C LYS D 121 9.17 -44.28 -35.12
N ASP D 122 10.07 -43.50 -34.54
CA ASP D 122 10.11 -43.35 -33.10
C ASP D 122 9.39 -42.11 -32.59
N THR D 123 9.41 -41.04 -33.39
CA THR D 123 8.79 -39.78 -32.98
C THR D 123 7.66 -39.31 -33.91
N PHE D 124 6.60 -38.78 -33.30
CA PHE D 124 5.45 -38.32 -34.07
C PHE D 124 5.71 -37.06 -34.90
N GLY D 125 5.05 -36.93 -36.04
CA GLY D 125 5.20 -35.73 -36.84
C GLY D 125 4.29 -35.75 -38.05
N MET D 126 4.69 -34.97 -39.05
CA MET D 126 4.07 -35.04 -40.36
C MET D 126 4.37 -36.40 -41.08
N VAL D 127 3.29 -37.07 -41.46
CA VAL D 127 3.27 -38.24 -42.28
C VAL D 127 2.42 -37.94 -43.51
N SER D 128 2.65 -38.67 -44.60
CA SER D 128 1.80 -38.53 -45.77
C SER D 128 0.37 -38.92 -45.43
N LYS D 129 -0.60 -38.40 -46.18
CA LYS D 129 -1.99 -38.74 -45.95
C LYS D 129 -2.25 -40.14 -46.50
N THR D 130 -1.44 -40.57 -47.45
CA THR D 130 -1.63 -41.92 -48.00
C THR D 130 -0.61 -42.93 -47.40
N GLN D 131 -1.13 -43.94 -46.70
CA GLN D 131 -0.31 -45.02 -46.17
C GLN D 131 0.40 -45.85 -47.27
N ASP D 132 1.34 -46.70 -46.88
CA ASP D 132 2.07 -47.51 -47.87
C ASP D 132 1.40 -48.84 -48.22
N SER D 133 2.08 -49.61 -49.07
CA SER D 133 1.59 -50.92 -49.47
C SER D 133 1.07 -51.76 -48.28
N GLU D 134 1.74 -51.66 -47.14
CA GLU D 134 1.36 -52.43 -45.94
C GLU D 134 0.37 -51.71 -45.02
N GLY D 135 -0.09 -50.53 -45.43
CA GLY D 135 -0.98 -49.75 -44.58
C GLY D 135 -0.26 -49.18 -43.36
N LYS D 136 0.97 -48.76 -43.56
CA LYS D 136 1.71 -48.06 -42.52
C LYS D 136 1.95 -46.65 -43.01
N ASN D 137 2.14 -45.73 -42.07
CA ASN D 137 2.38 -44.34 -42.41
C ASN D 137 3.76 -44.15 -42.98
N VAL D 138 3.82 -43.30 -44.00
CA VAL D 138 5.04 -42.86 -44.64
C VAL D 138 5.36 -41.40 -44.23
N ALA D 139 6.64 -41.10 -44.06
CA ALA D 139 7.03 -39.75 -43.67
C ALA D 139 6.56 -38.73 -44.71
N ALA D 140 6.18 -37.53 -44.25
CA ALA D 140 5.79 -36.45 -45.18
C ALA D 140 7.01 -35.89 -45.89
N THR D 141 6.79 -35.19 -47.00
CA THR D 141 7.88 -34.65 -47.79
C THR D 141 8.44 -33.33 -47.23
N LYS D 142 7.65 -32.63 -46.43
CA LYS D 142 8.14 -31.44 -45.79
C LYS D 142 7.57 -31.32 -44.38
N ALA D 143 8.31 -30.62 -43.53
CA ALA D 143 7.83 -30.23 -42.23
C ALA D 143 6.63 -29.27 -42.32
N LEU D 144 5.79 -29.26 -41.29
CA LEU D 144 4.72 -28.30 -41.24
C LEU D 144 5.23 -26.98 -40.71
N LYS D 145 5.26 -25.98 -41.57
CA LYS D 145 5.75 -24.65 -41.22
C LYS D 145 4.62 -23.64 -41.07
N VAL D 146 4.89 -22.57 -40.33
CA VAL D 146 3.93 -21.51 -40.16
C VAL D 146 3.19 -21.19 -41.46
N LYS D 147 3.95 -20.96 -42.52
CA LYS D 147 3.38 -20.51 -43.78
C LYS D 147 2.44 -21.52 -44.44
N ASP D 148 2.52 -22.79 -44.02
CA ASP D 148 1.60 -23.82 -44.53
C ASP D 148 0.25 -23.75 -43.82
N VAL D 149 0.27 -23.14 -42.64
CA VAL D 149 -0.89 -23.09 -41.76
C VAL D 149 -1.74 -21.84 -41.97
N ALA D 150 -1.11 -20.71 -42.24
CA ALA D 150 -1.84 -19.47 -42.41
C ALA D 150 -1.13 -18.44 -43.29
N THR D 151 -1.91 -17.58 -43.92
CA THR D 151 -1.35 -16.38 -44.54
C THR D 151 -1.82 -15.11 -43.80
N PHE D 152 -1.11 -14.02 -44.04
CA PHE D 152 -1.27 -12.82 -43.24
C PHE D 152 -1.50 -11.62 -44.12
N GLY D 153 -2.33 -10.68 -43.64
CA GLY D 153 -2.63 -9.44 -44.33
C GLY D 153 -3.48 -8.48 -43.51
N LEU D 154 -3.82 -7.36 -44.11
CA LEU D 154 -4.75 -6.44 -43.47
C LEU D 154 -6.13 -6.81 -43.92
N LYS D 155 -7.09 -6.86 -43.01
CA LYS D 155 -8.46 -7.06 -43.42
C LYS D 155 -8.80 -5.89 -44.32
N SER D 156 -9.53 -6.17 -45.38
CA SER D 156 -9.88 -5.10 -46.31
C SER D 156 -10.90 -4.21 -45.64
N GLY D 157 -10.80 -2.92 -45.90
CA GLY D 157 -11.75 -1.98 -45.38
C GLY D 157 -11.22 -1.22 -44.19
N GLY D 158 -9.93 -1.37 -43.92
CA GLY D 158 -9.34 -0.57 -42.86
C GLY D 158 -9.49 0.91 -43.15
N SER D 159 -9.29 1.73 -42.12
CA SER D 159 -9.37 3.16 -42.30
C SER D 159 -8.94 3.82 -41.02
N GLU D 160 -8.52 5.07 -41.11
CA GLU D 160 -8.06 5.73 -39.90
C GLU D 160 -9.21 6.07 -38.99
N ASP D 161 -10.42 6.09 -39.54
CA ASP D 161 -11.62 6.37 -38.75
C ASP D 161 -11.98 5.18 -37.89
N THR D 162 -11.96 4.02 -38.53
CA THR D 162 -12.54 2.82 -38.01
C THR D 162 -11.42 1.93 -37.42
N GLY D 163 -10.23 2.08 -37.95
CA GLY D 163 -9.10 1.30 -37.51
C GLY D 163 -8.72 0.29 -38.59
N TYR D 164 -7.49 -0.19 -38.50
CA TYR D 164 -7.00 -1.26 -39.36
C TYR D 164 -7.00 -2.58 -38.61
N VAL D 165 -7.37 -3.66 -39.30
CA VAL D 165 -7.36 -4.97 -38.68
C VAL D 165 -6.36 -5.95 -39.32
N VAL D 166 -5.55 -6.60 -38.49
CA VAL D 166 -4.63 -7.62 -38.99
C VAL D 166 -5.40 -8.92 -39.02
N GLU D 167 -5.25 -9.66 -40.12
CA GLU D 167 -6.09 -10.80 -40.38
C GLU D 167 -5.25 -11.97 -40.80
N MET D 168 -5.52 -13.14 -40.25
CA MET D 168 -4.90 -14.36 -40.73
C MET D 168 -5.94 -15.25 -41.44
N LYS D 169 -5.50 -16.03 -42.44
CA LYS D 169 -6.35 -16.95 -43.19
C LYS D 169 -5.77 -18.38 -43.21
N ALA D 170 -6.56 -19.36 -42.80
CA ALA D 170 -6.06 -20.73 -42.74
C ALA D 170 -5.57 -21.17 -44.09
N GLY D 171 -4.52 -21.99 -44.12
CA GLY D 171 -4.14 -22.61 -45.37
C GLY D 171 -4.87 -23.94 -45.57
N ALA D 172 -4.27 -24.82 -46.36
CA ALA D 172 -4.80 -26.16 -46.54
C ALA D 172 -3.66 -27.13 -46.40
N VAL D 173 -3.85 -28.13 -45.55
CA VAL D 173 -2.80 -29.11 -45.32
C VAL D 173 -3.31 -30.50 -45.68
N GLU D 174 -2.56 -31.21 -46.52
CA GLU D 174 -2.91 -32.58 -46.89
C GLU D 174 -2.29 -33.56 -45.93
N ASP D 175 -1.02 -33.35 -45.63
CA ASP D 175 -0.30 -34.20 -44.70
C ASP D 175 -1.02 -34.28 -43.36
N LYS D 176 -0.71 -35.33 -42.60
CA LYS D 176 -1.36 -35.55 -41.33
C LYS D 176 -0.35 -35.82 -40.23
N TYR D 177 -0.85 -36.24 -39.08
CA TYR D 177 -0.01 -36.33 -37.91
C TYR D 177 0.05 -37.74 -37.41
N GLY D 178 1.27 -38.28 -37.35
CA GLY D 178 1.43 -39.68 -37.01
C GLY D 178 2.86 -40.12 -36.88
N LYS D 179 3.04 -41.44 -36.87
CA LYS D 179 4.37 -42.02 -36.73
C LYS D 179 4.66 -42.92 -37.93
N VAL D 180 5.86 -42.80 -38.51
CA VAL D 180 6.24 -43.66 -39.62
C VAL D 180 6.15 -45.14 -39.25
N GLY D 181 5.61 -45.96 -40.14
CA GLY D 181 5.50 -47.39 -39.87
C GLY D 181 4.29 -47.81 -39.03
N ASP D 182 3.61 -46.82 -38.46
CA ASP D 182 2.40 -47.06 -37.68
C ASP D 182 1.17 -47.38 -38.54
N SER D 183 0.31 -48.25 -38.04
CA SER D 183 -0.85 -48.69 -38.80
C SER D 183 -1.97 -47.67 -38.71
N THR D 184 -2.11 -47.09 -37.53
CA THR D 184 -3.17 -46.13 -37.28
C THR D 184 -2.95 -44.88 -38.15
N ALA D 185 -3.98 -44.52 -38.91
CA ALA D 185 -3.86 -43.41 -39.86
C ALA D 185 -3.47 -42.10 -39.17
N GLY D 186 -2.91 -41.20 -39.97
CA GLY D 186 -2.50 -39.91 -39.49
C GLY D 186 -3.71 -39.05 -39.20
N ILE D 187 -3.67 -38.36 -38.08
CA ILE D 187 -4.80 -37.53 -37.70
C ILE D 187 -4.69 -36.13 -38.33
N ALA D 188 -5.79 -35.61 -38.84
CA ALA D 188 -5.76 -34.31 -39.48
C ALA D 188 -5.30 -33.20 -38.54
N ILE D 189 -4.72 -32.16 -39.14
CA ILE D 189 -4.35 -30.98 -38.39
C ILE D 189 -5.47 -29.95 -38.44
N ASN D 190 -5.98 -29.57 -37.28
CA ASN D 190 -7.02 -28.55 -37.21
C ASN D 190 -6.42 -27.15 -37.30
N LEU D 191 -6.71 -26.46 -38.40
CA LEU D 191 -6.14 -25.14 -38.64
C LEU D 191 -7.03 -24.10 -38.00
N PRO D 192 -6.44 -22.94 -37.62
CA PRO D 192 -7.14 -21.84 -36.95
C PRO D 192 -8.47 -21.55 -37.65
N SER D 193 -9.54 -21.58 -36.88
CA SER D 193 -10.89 -21.37 -37.40
C SER D 193 -11.48 -20.22 -36.63
N THR D 194 -10.80 -19.85 -35.55
CA THR D 194 -11.21 -18.76 -34.67
C THR D 194 -9.97 -17.95 -34.25
N GLY D 195 -10.15 -16.69 -33.87
CA GLY D 195 -9.03 -15.82 -33.51
C GLY D 195 -8.25 -15.37 -34.74
N LEU D 196 -8.96 -15.08 -35.82
CA LEU D 196 -8.35 -14.79 -37.08
C LEU D 196 -7.99 -13.31 -37.25
N GLU D 197 -8.40 -12.50 -36.28
CA GLU D 197 -8.26 -11.06 -36.39
C GLU D 197 -7.61 -10.48 -35.17
N TYR D 198 -6.86 -9.42 -35.38
CA TYR D 198 -6.26 -8.70 -34.28
C TYR D 198 -6.42 -7.22 -34.58
N ALA D 199 -7.13 -6.50 -33.72
CA ALA D 199 -7.50 -5.13 -34.00
C ALA D 199 -7.00 -4.17 -32.91
N GLY D 200 -6.18 -4.68 -32.01
CA GLY D 200 -5.68 -3.91 -30.88
C GLY D 200 -6.49 -4.19 -29.63
N LYS D 201 -7.48 -3.34 -29.36
CA LYS D 201 -8.40 -3.51 -28.22
C LYS D 201 -7.69 -3.67 -26.89
N GLY D 202 -6.55 -3.01 -26.76
CA GLY D 202 -5.84 -3.04 -25.49
C GLY D 202 -5.16 -4.37 -25.24
N THR D 203 -4.88 -5.09 -26.32
CA THR D 203 -4.13 -6.34 -26.23
C THR D 203 -2.96 -6.34 -27.20
N THR D 204 -1.97 -7.15 -26.90
CA THR D 204 -0.98 -7.48 -27.90
C THR D 204 -1.01 -8.96 -28.23
N ILE D 205 -0.55 -9.29 -29.43
CA ILE D 205 -0.39 -10.68 -29.85
C ILE D 205 0.69 -11.38 -29.03
N ASP D 206 0.30 -12.43 -28.31
CA ASP D 206 1.26 -13.28 -27.61
C ASP D 206 1.81 -14.28 -28.62
N PHE D 207 3.03 -14.08 -29.10
CA PHE D 207 3.59 -14.98 -30.10
C PHE D 207 3.99 -16.35 -29.62
N ASN D 208 3.90 -16.59 -28.32
CA ASN D 208 4.18 -17.92 -27.79
C ASN D 208 2.94 -18.78 -28.01
N LYS D 209 1.81 -18.22 -27.61
CA LYS D 209 0.53 -18.92 -27.69
C LYS D 209 -0.14 -18.80 -29.07
N THR D 210 0.35 -17.88 -29.90
CA THR D 210 -0.19 -17.70 -31.25
C THR D 210 0.46 -18.65 -32.29
N LEU D 211 -0.37 -19.27 -33.13
CA LEU D 211 0.14 -20.26 -34.07
C LEU D 211 0.97 -21.29 -33.30
N LYS D 212 0.36 -21.83 -32.27
CA LYS D 212 1.01 -22.84 -31.46
C LYS D 212 0.28 -24.15 -31.70
N VAL D 213 1.04 -25.23 -31.63
CA VAL D 213 0.49 -26.55 -31.78
C VAL D 213 -0.06 -27.02 -30.47
N ASP D 214 -1.25 -27.61 -30.50
CA ASP D 214 -1.75 -28.33 -29.36
C ASP D 214 -2.16 -29.75 -29.72
N VAL D 215 -1.32 -30.72 -29.40
CA VAL D 215 -1.69 -32.13 -29.60
C VAL D 215 -2.31 -32.69 -28.34
N THR D 216 -3.47 -33.31 -28.49
CA THR D 216 -4.16 -33.90 -27.36
C THR D 216 -4.01 -35.43 -27.40
N GLY D 217 -3.69 -35.99 -26.25
CA GLY D 217 -3.49 -37.43 -26.11
C GLY D 217 -2.01 -37.77 -26.06
N GLY D 218 -1.17 -36.74 -26.09
CA GLY D 218 0.27 -36.93 -26.11
C GLY D 218 0.68 -38.17 -26.90
N SER D 219 1.25 -39.15 -26.19
CA SER D 219 1.76 -40.39 -26.76
C SER D 219 0.70 -41.16 -27.55
N THR D 220 -0.57 -40.96 -27.20
CA THR D 220 -1.69 -41.58 -27.89
C THR D 220 -2.68 -40.52 -28.38
N PRO D 221 -2.34 -39.82 -29.48
CA PRO D 221 -3.03 -38.59 -29.89
C PRO D 221 -4.41 -38.83 -30.47
N SER D 222 -5.38 -38.02 -30.06
CA SER D 222 -6.68 -38.04 -30.69
C SER D 222 -6.85 -36.84 -31.63
N ALA D 223 -6.06 -35.80 -31.42
CA ALA D 223 -6.25 -34.58 -32.21
C ALA D 223 -5.07 -33.64 -32.16
N VAL D 224 -4.96 -32.84 -33.21
CA VAL D 224 -3.92 -31.82 -33.29
C VAL D 224 -4.53 -30.53 -33.84
N ALA D 225 -4.24 -29.41 -33.19
CA ALA D 225 -4.68 -28.12 -33.71
C ALA D 225 -3.56 -27.09 -33.62
N VAL D 226 -3.73 -26.01 -34.38
CA VAL D 226 -2.82 -24.88 -34.35
C VAL D 226 -3.68 -23.67 -34.04
N SER D 227 -3.25 -22.89 -33.05
CA SER D 227 -4.03 -21.78 -32.58
C SER D 227 -3.87 -20.64 -33.57
N GLY D 228 -4.84 -19.72 -33.56
CA GLY D 228 -4.72 -18.51 -34.32
C GLY D 228 -4.13 -17.42 -33.42
N PHE D 229 -4.62 -16.18 -33.51
CA PHE D 229 -4.07 -15.12 -32.67
C PHE D 229 -4.45 -15.37 -31.23
N VAL D 230 -3.47 -15.34 -30.34
CA VAL D 230 -3.77 -15.32 -28.92
C VAL D 230 -3.11 -14.14 -28.27
N THR D 231 -3.93 -13.31 -27.65
CA THR D 231 -3.49 -12.03 -27.14
C THR D 231 -3.28 -12.09 -25.65
N LYS D 232 -2.43 -11.20 -25.15
CA LYS D 232 -2.41 -10.88 -23.72
C LYS D 232 -2.81 -9.39 -23.52
N ASP D 233 -3.22 -9.02 -22.30
CA ASP D 233 -3.54 -7.62 -22.02
C ASP D 233 -2.28 -6.75 -22.11
N ASP D 234 -2.46 -5.55 -22.68
CA ASP D 234 -1.40 -4.56 -22.82
C ASP D 234 -0.75 -4.24 -21.48
N THR D 235 -1.53 -3.69 -20.55
CA THR D 235 -1.03 -3.38 -19.22
C THR D 235 -1.75 -4.15 -18.14
N ASP D 236 -1.44 -3.77 -16.91
CA ASP D 236 -2.05 -4.33 -15.72
C ASP D 236 -3.29 -3.54 -15.33
N LEU D 237 -3.41 -2.33 -15.86
CA LEU D 237 -4.59 -1.48 -15.62
C LEU D 237 -5.85 -2.16 -16.15
N ALA D 238 -6.97 -2.00 -15.45
CA ALA D 238 -8.23 -2.62 -15.86
C ALA D 238 -8.61 -2.26 -17.30
N LYS D 239 -9.66 -2.91 -17.81
CA LYS D 239 -10.08 -2.75 -19.22
C LYS D 239 -10.75 -1.41 -19.51
N SER D 240 -11.88 -1.13 -18.84
CA SER D 240 -12.44 0.21 -18.82
C SER D 240 -12.08 0.87 -17.49
N GLY D 241 -12.68 2.01 -17.19
CA GLY D 241 -12.53 2.64 -15.89
C GLY D 241 -12.37 4.15 -15.84
N THR D 242 -11.58 4.61 -14.89
CA THR D 242 -11.20 6.01 -14.78
C THR D 242 -9.88 6.15 -14.03
N ILE D 243 -9.00 6.99 -14.55
CA ILE D 243 -7.77 7.31 -13.84
C ILE D 243 -7.64 8.83 -13.65
N ASN D 244 -6.78 9.26 -12.74
CA ASN D 244 -6.61 10.68 -12.52
C ASN D 244 -5.15 11.15 -12.46
N VAL D 245 -4.73 11.81 -13.53
CA VAL D 245 -3.42 12.44 -13.62
C VAL D 245 -3.41 13.78 -12.87
N ARG D 246 -2.32 14.06 -12.17
CA ARG D 246 -2.19 15.33 -11.48
C ARG D 246 -0.82 15.94 -11.74
N VAL D 247 -0.81 17.11 -12.37
CA VAL D 247 0.43 17.81 -12.67
C VAL D 247 0.67 18.93 -11.66
N ILE D 248 1.50 18.69 -10.65
CA ILE D 248 1.74 19.70 -9.62
C ILE D 248 3.09 20.42 -9.78
N ASN D 249 3.24 21.55 -9.10
CA ASN D 249 4.48 22.32 -9.10
C ASN D 249 5.30 22.12 -7.82
P PO4 E . 16.64 -9.67 -24.65
O1 PO4 E . 15.75 -9.33 -25.82
O2 PO4 E . 16.96 -8.41 -23.85
O3 PO4 E . 17.95 -10.26 -25.14
O4 PO4 E . 15.91 -10.66 -23.76
N GLY F . -2.77 -24.07 -1.84
CA GLY F . -3.75 -24.30 -0.78
C GLY F . -4.51 -23.09 -0.23
O GLY F . -3.99 -21.96 -0.27
OXT GLY F . -5.65 -23.18 0.30
N GLY G . 8.48 10.64 18.39
CA GLY G . 8.21 9.30 17.89
C GLY G . 7.93 8.37 19.04
O GLY G . 7.92 8.79 20.20
OXT GLY G . 7.72 7.17 18.81
N GLY H . -10.91 -20.59 -40.55
CA GLY H . -10.16 -21.25 -41.60
C GLY H . -10.52 -22.72 -41.80
O GLY H . -10.48 -23.52 -40.85
OXT GLY H . -10.84 -23.15 -42.91
#